data_7Y6U
#
_entry.id   7Y6U
#
_cell.length_a   1.00
_cell.length_b   1.00
_cell.length_c   1.00
_cell.angle_alpha   90.00
_cell.angle_beta   90.00
_cell.angle_gamma   90.00
#
_symmetry.space_group_name_H-M   'P 1'
#
loop_
_entity.id
_entity.type
_entity.pdbx_description
1 polymer 'Spike glycoprotein'
2 branched beta-D-mannopyranose-(1-4)-2-acetamido-2-deoxy-beta-D-glucopyranose-(1-4)-[alpha-L-fucopyranose-(1-6)]2-acetamido-2-deoxy-beta-D-glucopyranose
3 branched alpha-D-mannopyranose-(1-3)-[alpha-D-mannopyranose-(1-6)]beta-D-mannopyranose-(1-4)-2-acetamido-2-deoxy-beta-D-glucopyranose-(1-4)-2-acetamido-2-deoxy-beta-D-glucopyranose
4 branched alpha-L-fucopyranose-(1-6)-2-acetamido-2-deoxy-beta-D-glucopyranose
5 branched beta-D-mannopyranose-(1-4)-2-acetamido-2-deoxy-beta-D-glucopyranose-(1-4)-2-acetamido-2-deoxy-beta-D-glucopyranose
6 branched 2-acetamido-2-deoxy-beta-D-glucopyranose-(1-4)-2-acetamido-2-deoxy-beta-D-glucopyranose
7 non-polymer 2-acetamido-2-deoxy-beta-D-glucopyranose
#
_entity_poly.entity_id   1
_entity_poly.type   'polypeptide(L)'
_entity_poly.pdbx_seq_one_letter_code
;MKSLTYFWLFLPVLSTLSLPQDVTRCSAKTNFRRFFSKFNVQAPAVVVLGGYLPIGENQGVNSTWYCAGQHPTASGVHGI
FVSHIRGGHGFEIGISQEPFDPSGYQLYLHKATNGNTNATARLRICQFPSIKTLGPTANNDVTIGRNCLFNKAIPAHMSE
HSVVGITWDNDRVTVFSDKIYYFYFKNDWSRVATKCYNSGGCAMQYVYEPTYYMLNVTSAGEDGISYQPCTANCIGYAAN
VFATEPNGHIPEGFSFNNWFLLSNDSTLVHGKVVSNQPLLVNCLLAIPKIYGLGQFFSFNQTIDGVCNGAAVQRAPEALR
FNINDTSVILAEGSIVLHTALGTNFSFVCSNSSNPHLATFAIPLGATQVPYYCFFKVDTYNSTVYKFLAVLPPTVREIVI
TKYGDVYVNGFGYLHLGLLDAVTINFTGHGTDDDVSGFWTIASTNFVDALIEVQGTAIQRILYCDDPVSQLKCSQVAFDL
DDGFYPFSSRNLLSHEQPISFVTLPSFNAHSFVNITVSASFGGHSGANLIASDTTINGFSSFCVDTRQFTISLSYNVTNS
YGYVSNSQDSNCPFTLQSVNDYLSFSKFCVSTSLLASACTIDLFGYPEFGSGVKFTSLYFQFTKGELITGTPKPLEGVTD
VSFMTLDVCTKYTIYGFKGEGIITLTNSSFLAGVYYTSDSGQLLAFKNVTSGAVYSVTPCSFSEQAAYVDDDIVGVISSL
SSSTFNSTRELPGFFYHSNDGSNCTEPVLVYSNIGVCKSGSIGYVPSQSGQVKIAPTVTGNISIPTNFSMSIRTEYLQLY
NTPVSVDCATYVCNGNSRCKQLLTQYTAACKTIESALQLSARLESVEVNSMLTISEEALQLATISSFNGDGYNFTNVLGV
SVYDPARGRVVQKRSFIEDLLFNKVVTNGLGTVDEDYKRCSNGRSVADLVCAQYYSGVMVLPGVVDAEKLHMYSASLIGG
MVLGGFTAAAALPFSYAVQARLNYLALQTDVLQRNQQLLAESFNSAIGNITSAFESVKEASSQTSRGLNTVAHALTKVQE
VVNSQGAALTQLTVQLQHNFQAISSSIDDIYSRLDPPSADVQVDRLITGRLSALNAFVAQTLTKYTEVQASRKLAQQKVN
ECVKSQSQRYGFCGGDGEHIFSLVQAAPQGLLFLHTVLVPSDFVDVIAIAGLCVNDEIALTLREPGLVLFTHELQNHTAT
EYFVSSRRMFEPRKPTVSDFVQIESCVVTYVNLTRDQLPDVIPDYIDVNKTRDEILASLPNRTGPSLPLDVFNATYLNLT
GEIADLEQRSESLRNTTEELQSLIYNINNTLVDLEWLNRVETYIKWPEFGSGGYIPEAPRDGQAYVRKDGEWVLLSTFLK
GQDNSADIQHSGRPLESRGPFEQKLISEEDLNMHTGHHHHHH
;
_entity_poly.pdbx_strand_id   A
#
# COMPACT_ATOMS: atom_id res chain seq x y z
N ASN A 31 22.42 -14.43 43.72
CA ASN A 31 22.35 -12.99 43.52
C ASN A 31 22.18 -12.66 42.04
N PHE A 32 23.22 -12.95 41.25
CA PHE A 32 23.21 -12.84 39.79
C PHE A 32 22.98 -11.42 39.29
N ARG A 33 23.04 -10.41 40.16
CA ARG A 33 22.91 -9.04 39.68
C ARG A 33 24.13 -8.62 38.88
N ARG A 34 25.33 -8.88 39.41
CA ARG A 34 26.54 -8.43 38.74
C ARG A 34 26.72 -9.11 37.39
N PHE A 35 26.39 -10.41 37.31
CA PHE A 35 26.61 -11.14 36.08
C PHE A 35 25.82 -10.53 34.92
N PHE A 36 24.53 -10.28 35.13
CA PHE A 36 23.73 -9.64 34.08
C PHE A 36 24.06 -8.16 33.94
N SER A 37 24.60 -7.53 34.99
CA SER A 37 25.06 -6.15 34.85
C SER A 37 26.28 -6.07 33.94
N LYS A 38 27.04 -7.16 33.80
CA LYS A 38 28.18 -7.16 32.90
C LYS A 38 27.74 -6.97 31.45
N PHE A 39 26.54 -7.42 31.09
CA PHE A 39 25.96 -7.13 29.79
C PHE A 39 25.54 -5.67 29.80
N ASN A 40 26.42 -4.80 29.31
CA ASN A 40 26.14 -3.37 29.33
C ASN A 40 24.88 -3.04 28.56
N VAL A 41 23.84 -2.61 29.26
CA VAL A 41 22.54 -2.32 28.68
C VAL A 41 22.00 -1.04 29.29
N GLN A 42 21.26 -0.28 28.50
CA GLN A 42 20.69 0.97 28.98
C GLN A 42 19.72 0.72 30.13
N ALA A 43 19.69 1.66 31.07
CA ALA A 43 18.90 1.48 32.29
C ALA A 43 17.41 1.28 32.04
N PRO A 44 16.72 2.11 31.26
CA PRO A 44 15.26 1.96 31.14
C PRO A 44 14.79 0.94 30.12
N ALA A 45 15.65 0.04 29.65
CA ALA A 45 15.31 -0.89 28.58
C ALA A 45 15.18 -2.31 29.12
N VAL A 46 14.18 -3.03 28.64
CA VAL A 46 14.02 -4.46 28.93
C VAL A 46 14.44 -5.24 27.69
N VAL A 47 15.24 -6.30 27.92
CA VAL A 47 15.86 -7.04 26.83
C VAL A 47 15.66 -8.54 27.07
N VAL A 48 16.12 -9.33 26.12
CA VAL A 48 16.03 -10.79 26.16
C VAL A 48 17.44 -11.36 26.09
N LEU A 49 17.75 -12.27 27.02
CA LEU A 49 19.04 -12.94 27.07
C LEU A 49 18.96 -14.30 26.39
N GLY A 50 20.11 -14.81 25.99
CA GLY A 50 20.19 -16.11 25.36
C GLY A 50 21.58 -16.69 25.50
N GLY A 51 21.69 -17.97 25.20
CA GLY A 51 22.95 -18.68 25.23
C GLY A 51 23.09 -19.53 26.48
N TYR A 52 24.32 -19.99 26.70
CA TYR A 52 24.63 -20.87 27.83
C TYR A 52 24.91 -20.04 29.09
N LEU A 53 23.87 -19.40 29.58
CA LEU A 53 23.93 -18.60 30.78
C LEU A 53 23.72 -19.47 32.02
N PRO A 54 24.03 -18.95 33.20
CA PRO A 54 23.63 -19.66 34.43
C PRO A 54 22.13 -19.87 34.44
N ILE A 55 21.71 -21.06 34.84
CA ILE A 55 20.38 -21.55 34.57
C ILE A 55 19.50 -21.57 35.82
N GLY A 56 19.75 -20.67 36.76
CA GLY A 56 18.85 -20.52 37.89
C GLY A 56 19.09 -21.59 38.96
N GLU A 57 19.08 -21.13 40.22
CA GLU A 57 19.41 -22.01 41.33
C GLU A 57 18.44 -23.17 41.48
N ASN A 58 17.14 -22.94 41.30
CA ASN A 58 16.17 -24.02 41.47
C ASN A 58 15.23 -24.14 40.29
N GLN A 59 14.87 -23.02 39.67
CA GLN A 59 13.82 -23.00 38.66
C GLN A 59 14.16 -23.90 37.47
N GLY A 60 13.16 -24.62 36.97
CA GLY A 60 13.36 -25.60 35.93
C GLY A 60 14.01 -26.85 36.49
N VAL A 61 14.38 -27.75 35.57
CA VAL A 61 15.13 -28.94 35.95
C VAL A 61 16.50 -28.45 36.42
N ASN A 62 17.27 -27.87 35.48
CA ASN A 62 18.40 -26.99 35.72
C ASN A 62 19.18 -27.32 36.99
N SER A 63 19.40 -26.32 37.84
CA SER A 63 19.98 -26.46 39.17
C SER A 63 21.20 -27.37 39.19
N THR A 64 21.23 -28.29 40.15
CA THR A 64 22.31 -29.28 40.29
C THR A 64 23.67 -28.62 40.48
N TRP A 65 23.70 -27.53 41.25
CA TRP A 65 24.96 -27.06 41.78
C TRP A 65 25.55 -28.08 42.73
N TYR A 66 26.84 -28.35 42.59
CA TYR A 66 27.48 -29.38 43.42
C TYR A 66 27.85 -28.82 44.79
N CYS A 67 28.64 -27.74 44.82
CA CYS A 67 28.95 -27.01 46.06
C CYS A 67 29.58 -27.92 47.10
N ALA A 68 30.35 -28.91 46.65
CA ALA A 68 31.03 -29.83 47.56
C ALA A 68 32.11 -30.56 46.77
N GLY A 69 33.16 -30.97 47.48
CA GLY A 69 34.30 -31.59 46.83
C GLY A 69 34.07 -33.01 46.38
N GLN A 70 32.91 -33.26 45.77
CA GLN A 70 32.61 -34.58 45.22
C GLN A 70 33.35 -34.86 43.91
N HIS A 71 33.73 -33.80 43.18
CA HIS A 71 34.44 -33.90 41.91
C HIS A 71 33.68 -34.77 40.92
N PRO A 72 32.54 -34.32 40.41
CA PRO A 72 31.78 -35.12 39.45
C PRO A 72 32.38 -35.01 38.05
N THR A 73 31.82 -35.81 37.14
CA THR A 73 32.25 -35.81 35.75
C THR A 73 31.02 -35.93 34.86
N ALA A 74 31.01 -35.17 33.77
CA ALA A 74 29.90 -35.17 32.83
C ALA A 74 30.44 -35.14 31.41
N SER A 75 29.53 -35.29 30.45
CA SER A 75 29.86 -35.30 29.03
C SER A 75 28.88 -34.43 28.28
N GLY A 76 29.33 -33.91 27.13
CA GLY A 76 28.49 -33.05 26.34
C GLY A 76 28.20 -31.70 26.95
N VAL A 77 29.05 -31.24 27.86
CA VAL A 77 28.84 -29.96 28.53
C VAL A 77 29.34 -28.84 27.63
N HIS A 78 28.53 -27.78 27.50
CA HIS A 78 28.89 -26.62 26.70
C HIS A 78 29.17 -25.38 27.54
N GLY A 79 29.27 -25.51 28.86
CA GLY A 79 29.57 -24.37 29.70
C GLY A 79 29.56 -24.69 31.18
N ILE A 80 30.42 -24.02 31.94
CA ILE A 80 30.52 -24.18 33.38
C ILE A 80 30.54 -22.80 34.02
N PHE A 81 30.24 -22.76 35.32
CA PHE A 81 30.14 -21.49 36.03
C PHE A 81 30.54 -21.68 37.48
N VAL A 82 30.96 -20.58 38.11
CA VAL A 82 31.09 -20.47 39.55
C VAL A 82 30.25 -19.29 40.01
N SER A 83 29.43 -19.50 41.04
CA SER A 83 28.41 -18.53 41.40
C SER A 83 28.66 -17.82 42.72
N HIS A 84 29.47 -18.38 43.62
CA HIS A 84 29.70 -17.73 44.90
C HIS A 84 31.16 -17.92 45.30
N ILE A 85 31.80 -16.81 45.64
CA ILE A 85 33.19 -16.83 46.10
C ILE A 85 33.21 -16.57 47.60
N ARG A 86 33.19 -17.64 48.39
CA ARG A 86 33.12 -17.52 49.85
C ARG A 86 34.55 -17.26 50.37
N GLY A 87 35.01 -16.04 50.15
CA GLY A 87 36.30 -15.61 50.63
C GLY A 87 37.47 -15.98 49.75
N GLY A 88 37.24 -16.74 48.68
CA GLY A 88 38.31 -17.14 47.80
C GLY A 88 38.69 -18.60 47.92
N HIS A 89 37.69 -19.46 48.12
CA HIS A 89 37.94 -20.89 48.29
C HIS A 89 38.62 -21.47 47.06
N GLY A 90 39.18 -22.66 47.23
CA GLY A 90 39.87 -23.33 46.14
C GLY A 90 38.96 -23.61 44.97
N PHE A 91 39.60 -23.85 43.82
CA PHE A 91 38.84 -23.98 42.58
C PHE A 91 39.72 -24.62 41.50
N GLU A 92 39.24 -25.72 40.92
CA GLU A 92 40.00 -26.44 39.89
C GLU A 92 39.07 -26.85 38.77
N ILE A 93 39.54 -26.71 37.54
CA ILE A 93 38.77 -27.04 36.34
C ILE A 93 39.60 -27.93 35.44
N GLY A 94 39.02 -29.02 34.97
CA GLY A 94 39.65 -29.84 33.96
C GLY A 94 38.73 -30.10 32.79
N ILE A 95 39.08 -29.59 31.61
CA ILE A 95 38.26 -29.69 30.42
C ILE A 95 39.06 -30.40 29.35
N SER A 96 38.48 -31.45 28.75
CA SER A 96 39.18 -32.25 27.77
C SER A 96 38.19 -32.77 26.74
N GLN A 97 38.71 -33.47 25.74
CA GLN A 97 37.88 -34.10 24.73
C GLN A 97 37.34 -35.43 25.25
N GLU A 98 36.08 -35.71 24.92
CA GLU A 98 35.54 -37.04 25.21
C GLU A 98 36.33 -38.16 24.53
N PRO A 99 36.77 -38.05 23.27
CA PRO A 99 37.65 -39.09 22.71
C PRO A 99 38.97 -39.24 23.44
N PHE A 100 39.31 -38.30 24.33
CA PHE A 100 40.55 -38.38 25.13
C PHE A 100 41.76 -38.37 24.20
N ASP A 101 41.75 -37.47 23.22
CA ASP A 101 42.84 -37.39 22.27
C ASP A 101 44.07 -36.73 22.91
N PRO A 102 45.26 -37.15 22.52
CA PRO A 102 46.47 -36.48 23.01
C PRO A 102 46.84 -35.27 22.17
N SER A 103 46.43 -35.27 20.90
CA SER A 103 46.79 -34.19 19.99
C SER A 103 46.01 -32.92 20.28
N GLY A 104 44.78 -33.03 20.76
CA GLY A 104 43.98 -31.86 21.03
C GLY A 104 44.50 -31.07 22.22
N TYR A 105 44.03 -29.83 22.30
CA TYR A 105 44.44 -28.94 23.39
C TYR A 105 43.53 -29.13 24.59
N GLN A 106 44.13 -29.16 25.78
CA GLN A 106 43.40 -29.35 27.02
C GLN A 106 43.50 -28.10 27.90
N LEU A 107 42.40 -27.78 28.57
CA LEU A 107 42.34 -26.64 29.49
C LEU A 107 42.30 -27.15 30.92
N TYR A 108 43.11 -26.55 31.78
CA TYR A 108 43.12 -26.86 33.21
C TYR A 108 43.39 -25.59 33.99
N LEU A 109 42.37 -25.06 34.65
CA LEU A 109 42.49 -23.88 35.48
C LEU A 109 42.57 -24.33 36.94
N HIS A 110 43.61 -23.92 37.63
CA HIS A 110 43.89 -24.41 38.99
C HIS A 110 44.28 -23.24 39.88
N LYS A 111 43.57 -23.07 40.99
CA LYS A 111 43.99 -22.15 42.05
C LYS A 111 43.60 -22.77 43.39
N ALA A 112 44.54 -23.51 43.98
CA ALA A 112 44.35 -24.04 45.33
C ALA A 112 44.83 -23.05 46.38
N THR A 113 44.36 -21.81 46.26
CA THR A 113 44.79 -20.73 47.14
C THR A 113 43.58 -19.89 47.53
N ASN A 114 43.72 -19.18 48.65
CA ASN A 114 42.67 -18.31 49.17
C ASN A 114 43.20 -16.91 49.43
N GLY A 115 44.17 -16.47 48.63
CA GLY A 115 44.79 -15.17 48.78
C GLY A 115 44.04 -14.03 48.15
N ASN A 116 42.85 -14.28 47.59
CA ASN A 116 42.04 -13.26 46.94
C ASN A 116 42.81 -12.54 45.85
N THR A 117 43.27 -11.32 46.14
CA THR A 117 44.01 -10.55 45.15
C THR A 117 45.30 -11.25 44.74
N ASN A 118 46.02 -11.80 45.70
CA ASN A 118 47.23 -12.57 45.40
C ASN A 118 46.93 -13.94 44.82
N ALA A 119 45.70 -14.43 44.94
CA ALA A 119 45.35 -15.77 44.47
C ALA A 119 45.14 -15.77 42.96
N THR A 120 46.23 -15.50 42.25
CA THR A 120 46.20 -15.55 40.78
C THR A 120 46.09 -16.99 40.33
N ALA A 121 45.02 -17.29 39.60
CA ALA A 121 44.72 -18.67 39.23
C ALA A 121 45.67 -19.15 38.12
N ARG A 122 46.24 -20.33 38.32
CA ARG A 122 47.06 -20.95 37.29
C ARG A 122 46.19 -21.51 36.19
N LEU A 123 46.51 -21.19 34.94
CA LEU A 123 45.78 -21.68 33.79
C LEU A 123 46.77 -22.15 32.74
N ARG A 124 46.52 -23.33 32.17
CA ARG A 124 47.41 -23.90 31.16
C ARG A 124 46.57 -24.44 30.02
N ILE A 125 46.45 -23.67 28.94
CA ILE A 125 45.84 -24.13 27.71
C ILE A 125 46.97 -24.69 26.87
N CYS A 126 47.08 -26.02 26.83
CA CYS A 126 48.20 -26.69 26.20
C CYS A 126 47.72 -27.98 25.56
N GLN A 127 48.63 -28.64 24.85
CA GLN A 127 48.52 -30.08 24.71
C GLN A 127 48.90 -30.61 26.08
N PHE A 128 47.91 -30.78 26.94
CA PHE A 128 48.10 -30.77 28.39
C PHE A 128 47.62 -32.08 28.98
N PRO A 129 48.12 -32.46 30.15
CA PRO A 129 47.56 -33.60 30.87
C PRO A 129 46.04 -33.60 30.93
N SER A 130 45.42 -34.59 30.29
CA SER A 130 43.96 -34.75 30.35
C SER A 130 43.64 -35.37 31.71
N ILE A 131 43.66 -34.52 32.73
CA ILE A 131 43.54 -34.97 34.12
C ILE A 131 42.17 -35.57 34.33
N LYS A 132 42.13 -36.86 34.66
CA LYS A 132 40.87 -37.60 34.68
C LYS A 132 39.99 -37.17 35.84
N THR A 133 40.53 -37.13 37.05
CA THR A 133 39.72 -36.83 38.23
C THR A 133 40.14 -35.52 38.92
N LEU A 134 41.39 -35.42 39.38
CA LEU A 134 41.80 -34.27 40.18
C LEU A 134 43.30 -34.32 40.41
N GLY A 135 43.94 -33.15 40.40
CA GLY A 135 45.34 -33.04 40.68
C GLY A 135 46.02 -32.02 39.78
N PRO A 136 47.08 -31.38 40.28
CA PRO A 136 47.86 -30.49 39.40
C PRO A 136 48.44 -31.22 38.20
N THR A 137 48.92 -32.45 38.39
CA THR A 137 49.34 -33.31 37.29
C THR A 137 48.47 -34.55 37.18
N ALA A 138 48.38 -35.34 38.26
CA ALA A 138 47.45 -36.47 38.36
C ALA A 138 47.61 -37.52 37.26
N ASN A 139 46.73 -38.50 37.26
CA ASN A 139 46.72 -39.55 36.24
C ASN A 139 46.13 -39.00 34.95
N ASN A 140 46.86 -39.15 33.85
CA ASN A 140 46.50 -38.53 32.58
C ASN A 140 47.44 -39.06 31.51
N ASP A 141 47.32 -38.51 30.30
CA ASP A 141 48.30 -38.68 29.24
C ASP A 141 48.90 -37.33 28.90
N VAL A 142 49.96 -37.36 28.08
CA VAL A 142 50.67 -36.17 27.59
C VAL A 142 51.43 -35.50 28.73
N THR A 143 52.62 -34.98 28.42
CA THR A 143 53.43 -34.28 29.41
C THR A 143 52.85 -32.89 29.68
N ILE A 144 53.31 -32.29 30.78
CA ILE A 144 52.77 -31.02 31.23
C ILE A 144 52.96 -29.93 30.18
N GLY A 145 54.16 -29.86 29.61
CA GLY A 145 54.50 -28.77 28.71
C GLY A 145 54.96 -29.18 27.33
N ARG A 146 54.32 -30.21 26.74
CA ARG A 146 54.70 -30.63 25.40
C ARG A 146 54.50 -29.50 24.39
N ASN A 147 53.36 -28.81 24.47
CA ASN A 147 53.08 -27.69 23.60
C ASN A 147 51.99 -26.84 24.23
N CYS A 148 52.32 -25.58 24.54
CA CYS A 148 51.41 -24.68 25.22
C CYS A 148 51.13 -23.44 24.39
N LEU A 149 49.87 -23.02 24.37
CA LEU A 149 49.46 -21.74 23.82
C LEU A 149 49.34 -20.67 24.89
N PHE A 150 49.01 -21.04 26.12
CA PHE A 150 48.89 -20.10 27.22
C PHE A 150 49.08 -20.87 28.53
N ASN A 151 50.13 -20.54 29.28
CA ASN A 151 50.41 -21.18 30.56
C ASN A 151 50.83 -20.15 31.59
N LYS A 152 50.22 -18.97 31.55
CA LYS A 152 50.55 -17.90 32.47
C LYS A 152 49.65 -17.99 33.70
N ALA A 153 49.66 -16.94 34.52
CA ALA A 153 48.81 -16.83 35.69
C ALA A 153 47.77 -15.73 35.46
N ILE A 154 46.55 -15.97 35.92
CA ILE A 154 45.43 -15.07 35.70
C ILE A 154 44.89 -14.66 37.06
N PRO A 155 44.68 -13.37 37.31
CA PRO A 155 44.08 -12.95 38.59
C PRO A 155 42.69 -13.53 38.76
N ALA A 156 42.37 -13.94 39.99
CA ALA A 156 41.12 -14.62 40.29
C ALA A 156 40.50 -14.09 41.58
N HIS A 157 40.42 -12.77 41.70
CA HIS A 157 39.75 -12.14 42.83
C HIS A 157 38.51 -11.41 42.34
N MET A 158 37.41 -11.62 43.06
CA MET A 158 36.12 -11.04 42.71
C MET A 158 35.19 -11.14 43.91
N SER A 159 34.06 -10.45 43.82
CA SER A 159 33.11 -10.40 44.92
C SER A 159 32.47 -11.75 45.17
N GLU A 160 31.81 -11.87 46.33
CA GLU A 160 31.12 -13.11 46.67
C GLU A 160 30.00 -13.40 45.69
N HIS A 161 29.23 -12.38 45.32
CA HIS A 161 28.10 -12.56 44.43
C HIS A 161 28.51 -12.53 42.96
N SER A 162 29.78 -12.29 42.65
CA SER A 162 30.23 -12.29 41.27
C SER A 162 30.20 -13.70 40.70
N VAL A 163 29.87 -13.80 39.42
CA VAL A 163 29.77 -15.08 38.73
C VAL A 163 30.78 -15.10 37.59
N VAL A 164 31.59 -16.15 37.54
CA VAL A 164 32.61 -16.33 36.51
C VAL A 164 32.35 -17.65 35.81
N GLY A 165 32.40 -17.64 34.48
CA GLY A 165 32.14 -18.86 33.73
C GLY A 165 32.75 -18.80 32.35
N ILE A 166 32.91 -19.99 31.78
CA ILE A 166 33.47 -20.15 30.44
C ILE A 166 32.51 -21.00 29.63
N THR A 167 32.30 -20.58 28.37
CA THR A 167 31.38 -21.26 27.47
C THR A 167 32.06 -21.50 26.14
N TRP A 168 31.93 -22.71 25.60
CA TRP A 168 32.55 -23.08 24.34
C TRP A 168 31.51 -23.69 23.41
N ASP A 169 31.56 -23.28 22.15
CA ASP A 169 30.64 -23.79 21.13
C ASP A 169 31.13 -23.32 19.77
N ASN A 170 31.00 -24.20 18.77
CA ASN A 170 31.33 -23.88 17.38
C ASN A 170 32.76 -23.37 17.25
N ASP A 171 33.68 -23.97 18.01
CA ASP A 171 35.08 -23.58 18.05
C ASP A 171 35.27 -22.17 18.57
N ARG A 172 34.26 -21.63 19.27
CA ARG A 172 34.32 -20.29 19.85
C ARG A 172 34.21 -20.42 21.36
N VAL A 173 35.11 -19.75 22.08
CA VAL A 173 35.16 -19.82 23.54
C VAL A 173 34.93 -18.43 24.09
N THR A 174 33.99 -18.31 25.03
CA THR A 174 33.67 -17.05 25.68
C THR A 174 33.95 -17.18 27.18
N VAL A 175 34.53 -16.12 27.76
CA VAL A 175 34.84 -16.08 29.17
C VAL A 175 34.14 -14.87 29.78
N PHE A 176 33.62 -15.04 31.00
CA PHE A 176 32.83 -14.01 31.66
C PHE A 176 33.58 -13.39 32.85
N SER A 177 34.91 -13.32 32.76
CA SER A 177 35.74 -12.78 33.84
C SER A 177 35.69 -11.26 33.77
N ASP A 178 34.67 -10.68 34.41
CA ASP A 178 34.50 -9.24 34.58
C ASP A 178 34.12 -8.57 33.26
N LYS A 179 34.13 -9.33 32.17
CA LYS A 179 33.75 -8.85 30.86
C LYS A 179 33.41 -10.05 29.99
N ILE A 180 32.68 -9.80 28.91
CA ILE A 180 32.27 -10.87 28.00
C ILE A 180 33.38 -11.02 26.98
N TYR A 181 34.41 -11.78 27.36
CA TYR A 181 35.51 -12.03 26.45
C TYR A 181 35.10 -13.01 25.35
N TYR A 182 35.90 -13.07 24.30
CA TYR A 182 35.61 -13.90 23.15
C TYR A 182 36.91 -14.31 22.49
N PHE A 183 37.07 -15.60 22.23
CA PHE A 183 38.27 -16.12 21.60
C PHE A 183 37.88 -17.21 20.61
N TYR A 184 38.41 -17.13 19.39
CA TYR A 184 38.30 -18.24 18.46
C TYR A 184 39.32 -19.31 18.82
N PHE A 185 38.86 -20.55 18.94
CA PHE A 185 39.74 -21.63 19.37
C PHE A 185 39.17 -22.95 18.87
N LYS A 186 39.84 -23.54 17.88
CA LYS A 186 39.44 -24.86 17.39
C LYS A 186 39.52 -25.87 18.51
N ASN A 187 38.36 -26.41 18.91
CA ASN A 187 38.31 -27.28 20.08
C ASN A 187 37.09 -28.18 19.99
N ASP A 188 37.11 -29.22 20.83
CA ASP A 188 35.97 -30.11 21.04
C ASP A 188 36.00 -30.45 22.53
N TRP A 189 35.22 -29.72 23.32
CA TRP A 189 35.41 -29.72 24.76
C TRP A 189 34.17 -30.22 25.51
N SER A 190 33.62 -31.35 25.07
CA SER A 190 32.41 -31.89 25.66
C SER A 190 32.63 -32.52 27.04
N ARG A 191 33.87 -32.68 27.48
CA ARG A 191 34.18 -33.33 28.74
C ARG A 191 34.76 -32.32 29.73
N VAL A 192 34.30 -32.39 30.98
CA VAL A 192 34.73 -31.45 32.01
C VAL A 192 34.80 -32.17 33.34
N ALA A 193 35.80 -31.82 34.15
CA ALA A 193 35.96 -32.32 35.50
C ALA A 193 36.35 -31.16 36.41
N THR A 194 35.77 -31.13 37.61
CA THR A 194 35.94 -29.99 38.50
C THR A 194 36.25 -30.46 39.92
N LYS A 195 36.88 -29.57 40.68
CA LYS A 195 37.02 -29.70 42.12
C LYS A 195 36.28 -28.54 42.77
N CYS A 196 35.43 -28.85 43.74
CA CYS A 196 34.52 -27.86 44.30
C CYS A 196 34.80 -27.62 45.78
N TYR A 197 34.51 -26.39 46.22
CA TYR A 197 34.47 -26.02 47.63
C TYR A 197 33.13 -25.37 47.91
N ASN A 198 32.55 -25.68 49.07
CA ASN A 198 31.19 -25.24 49.37
C ASN A 198 31.12 -23.72 49.47
N SER A 199 30.06 -23.15 48.89
CA SER A 199 29.82 -21.71 48.99
C SER A 199 28.32 -21.47 48.88
N GLY A 200 27.64 -21.37 50.02
CA GLY A 200 26.26 -20.93 50.06
C GLY A 200 25.25 -21.90 49.49
N GLY A 201 25.62 -23.16 49.26
CA GLY A 201 24.70 -24.15 48.72
C GLY A 201 24.54 -24.14 47.22
N CYS A 202 25.05 -23.12 46.53
CA CYS A 202 25.00 -23.04 45.07
C CYS A 202 26.28 -22.33 44.63
N ALA A 203 27.31 -23.12 44.30
CA ALA A 203 28.64 -22.56 44.04
C ALA A 203 29.10 -22.71 42.60
N MET A 204 29.20 -23.94 42.08
CA MET A 204 29.58 -24.16 40.70
C MET A 204 28.63 -25.14 40.03
N GLN A 205 28.53 -25.03 38.70
CA GLN A 205 27.52 -25.73 37.93
C GLN A 205 28.04 -25.99 36.52
N TYR A 206 27.37 -26.89 35.82
CA TYR A 206 27.58 -27.10 34.39
C TYR A 206 26.38 -26.57 33.61
N VAL A 207 26.57 -26.47 32.29
CA VAL A 207 25.51 -26.06 31.37
C VAL A 207 25.55 -26.99 30.17
N TYR A 208 24.38 -27.52 29.79
CA TYR A 208 24.27 -28.41 28.64
C TYR A 208 23.54 -27.80 27.46
N GLU A 209 22.47 -27.05 27.69
CA GLU A 209 21.66 -26.51 26.62
C GLU A 209 21.47 -25.01 26.81
N PRO A 210 21.24 -24.27 25.72
CA PRO A 210 21.06 -22.82 25.86
C PRO A 210 19.81 -22.49 26.65
N THR A 211 19.88 -21.36 27.36
CA THR A 211 18.76 -20.85 28.14
C THR A 211 18.53 -19.39 27.80
N TYR A 212 17.48 -18.82 28.37
CA TYR A 212 17.11 -17.44 28.08
C TYR A 212 16.73 -16.75 29.38
N TYR A 213 16.80 -15.41 29.37
CA TYR A 213 16.45 -14.60 30.52
C TYR A 213 15.77 -13.33 30.06
N MET A 214 15.04 -12.70 30.98
CA MET A 214 14.36 -11.44 30.73
C MET A 214 14.87 -10.42 31.76
N LEU A 215 15.67 -9.47 31.31
CA LEU A 215 16.22 -8.42 32.17
C LEU A 215 15.28 -7.22 32.12
N ASN A 216 14.47 -7.05 33.16
CA ASN A 216 13.64 -5.86 33.31
C ASN A 216 14.44 -4.74 33.98
N VAL A 217 15.48 -4.31 33.27
CA VAL A 217 16.40 -3.32 33.83
C VAL A 217 15.67 -2.00 34.06
N THR A 218 15.90 -1.41 35.23
CA THR A 218 15.35 -0.10 35.55
C THR A 218 16.40 0.89 36.04
N SER A 219 17.62 0.45 36.35
CA SER A 219 18.67 1.34 36.81
C SER A 219 20.02 0.76 36.42
N ALA A 220 21.02 1.63 36.40
CA ALA A 220 22.38 1.21 36.03
C ALA A 220 23.05 0.47 37.17
N GLY A 221 24.16 -0.18 36.86
CA GLY A 221 24.90 -0.92 37.86
C GLY A 221 24.21 -2.21 38.26
N GLU A 222 24.61 -2.72 39.43
CA GLU A 222 24.05 -3.97 39.95
C GLU A 222 22.62 -3.81 40.42
N ASP A 223 22.11 -2.60 40.54
CA ASP A 223 20.76 -2.37 41.02
C ASP A 223 19.81 -2.09 39.86
N GLY A 224 18.52 -2.33 40.11
CA GLY A 224 17.50 -2.10 39.10
C GLY A 224 17.63 -2.99 37.90
N ILE A 225 17.85 -4.28 38.12
CA ILE A 225 18.00 -5.26 37.05
C ILE A 225 16.77 -6.17 36.95
N SER A 226 16.44 -6.86 38.03
CA SER A 226 15.22 -7.66 38.13
C SER A 226 15.15 -8.72 37.03
N TYR A 227 16.09 -9.65 37.06
CA TYR A 227 16.08 -10.77 36.14
C TYR A 227 15.03 -11.81 36.57
N GLN A 228 14.72 -12.72 35.65
CA GLN A 228 13.78 -13.79 35.92
C GLN A 228 14.04 -14.91 34.92
N PRO A 229 13.64 -16.15 35.24
CA PRO A 229 13.83 -17.25 34.29
C PRO A 229 12.94 -17.12 33.05
N CYS A 230 13.01 -18.10 32.16
CA CYS A 230 12.41 -17.98 30.85
C CYS A 230 12.07 -19.34 30.25
N THR A 231 11.24 -19.28 29.21
CA THR A 231 10.83 -20.43 28.40
C THR A 231 10.80 -19.96 26.95
N ALA A 232 10.64 -20.89 26.01
CA ALA A 232 10.87 -20.64 24.59
C ALA A 232 10.09 -19.44 24.04
N ASN A 233 9.20 -18.86 24.83
CA ASN A 233 8.41 -17.72 24.37
C ASN A 233 9.17 -16.40 24.41
N CYS A 234 10.31 -16.32 25.10
CA CYS A 234 11.04 -15.05 25.17
C CYS A 234 11.62 -14.62 23.83
N ILE A 235 11.95 -15.59 22.95
CA ILE A 235 12.62 -15.24 21.70
C ILE A 235 11.75 -14.31 20.86
N GLY A 236 10.47 -14.62 20.75
CA GLY A 236 9.56 -13.76 20.01
C GLY A 236 9.41 -12.38 20.61
N TYR A 237 9.72 -12.23 21.90
CA TYR A 237 9.61 -10.92 22.55
C TYR A 237 10.65 -9.93 22.04
N ALA A 238 11.76 -10.43 21.49
CA ALA A 238 12.76 -9.54 20.92
C ALA A 238 12.22 -8.83 19.69
N ALA A 239 12.52 -7.55 19.56
CA ALA A 239 11.94 -6.73 18.50
C ALA A 239 12.56 -6.96 17.14
N ASN A 240 13.78 -7.51 17.07
CA ASN A 240 14.49 -7.67 15.81
C ASN A 240 14.40 -9.08 15.25
N VAL A 241 13.64 -9.96 15.88
CA VAL A 241 13.43 -11.33 15.40
C VAL A 241 11.93 -11.61 15.38
N PHE A 242 11.57 -12.67 14.68
CA PHE A 242 10.16 -12.99 14.47
C PHE A 242 10.01 -14.50 14.27
N ALA A 243 8.77 -14.96 14.36
CA ALA A 243 8.43 -16.35 14.08
C ALA A 243 7.85 -16.43 12.68
N THR A 244 8.54 -17.15 11.79
CA THR A 244 8.10 -17.24 10.41
C THR A 244 6.80 -18.01 10.31
N GLU A 245 5.90 -17.51 9.47
CA GLU A 245 4.64 -18.20 9.22
C GLU A 245 4.89 -19.49 8.44
N PRO A 246 3.99 -20.46 8.55
CA PRO A 246 4.21 -21.73 7.82
C PRO A 246 4.35 -21.55 6.31
N ASN A 247 3.68 -20.55 5.74
CA ASN A 247 3.82 -20.29 4.31
C ASN A 247 5.09 -19.53 3.97
N GLY A 248 5.83 -19.05 4.96
CA GLY A 248 7.08 -18.36 4.73
C GLY A 248 6.99 -16.83 4.76
N HIS A 249 5.83 -16.27 5.09
CA HIS A 249 5.68 -14.83 5.11
C HIS A 249 6.13 -14.24 6.44
N ILE A 250 6.53 -12.98 6.40
CA ILE A 250 6.86 -12.26 7.62
C ILE A 250 5.58 -12.02 8.43
N PRO A 251 5.56 -12.32 9.71
CA PRO A 251 4.38 -11.99 10.53
C PRO A 251 4.17 -10.49 10.59
N GLU A 252 2.91 -10.09 10.67
CA GLU A 252 2.58 -8.67 10.72
C GLU A 252 3.05 -8.04 12.03
N GLY A 253 3.32 -6.75 11.97
CA GLY A 253 3.82 -6.02 13.12
C GLY A 253 5.32 -6.06 13.31
N PHE A 254 6.06 -6.70 12.43
CA PHE A 254 7.51 -6.72 12.54
C PHE A 254 8.07 -5.32 12.32
N SER A 255 9.11 -4.99 13.10
CA SER A 255 9.64 -3.64 13.07
C SER A 255 10.34 -3.32 11.75
N PHE A 256 11.01 -4.30 11.15
CA PHE A 256 11.86 -4.07 9.97
C PHE A 256 12.88 -2.97 10.27
N ASN A 257 13.54 -3.09 11.42
CA ASN A 257 14.42 -2.03 11.89
C ASN A 257 15.57 -1.78 10.93
N ASN A 258 16.18 -2.83 10.41
CA ASN A 258 17.32 -2.68 9.52
C ASN A 258 17.11 -3.38 8.17
N TRP A 259 15.95 -3.96 7.93
CA TRP A 259 15.70 -4.69 6.69
C TRP A 259 15.51 -3.72 5.53
N PHE A 260 16.60 -3.09 5.09
CA PHE A 260 16.51 -2.12 3.99
C PHE A 260 16.12 -2.83 2.70
N LEU A 261 15.32 -2.15 1.88
CA LEU A 261 14.99 -2.69 0.56
C LEU A 261 16.21 -2.60 -0.34
N LEU A 262 16.46 -3.68 -1.09
CA LEU A 262 17.62 -3.75 -1.95
C LEU A 262 17.43 -2.87 -3.18
N SER A 263 18.49 -2.18 -3.58
CA SER A 263 18.44 -1.29 -4.74
C SER A 263 19.81 -1.21 -5.37
N ASN A 264 19.86 -1.36 -6.69
CA ASN A 264 21.14 -1.31 -7.40
C ASN A 264 21.64 0.12 -7.57
N ASP A 265 20.75 1.09 -7.74
CA ASP A 265 21.16 2.44 -8.14
C ASP A 265 20.84 3.50 -7.11
N SER A 266 19.61 3.55 -6.59
CA SER A 266 19.24 4.60 -5.65
C SER A 266 18.16 4.08 -4.73
N THR A 267 18.10 4.68 -3.53
CA THR A 267 17.19 4.26 -2.48
C THR A 267 16.05 5.27 -2.36
N LEU A 268 14.81 4.77 -2.40
CA LEU A 268 13.66 5.63 -2.22
C LEU A 268 13.57 6.10 -0.76
N VAL A 269 13.32 7.39 -0.58
CA VAL A 269 13.25 7.94 0.77
C VAL A 269 11.86 7.83 1.36
N HIS A 270 10.81 7.89 0.54
CA HIS A 270 9.44 7.84 1.02
C HIS A 270 8.50 7.52 -0.13
N GLY A 271 7.64 6.54 0.07
CA GLY A 271 6.67 6.17 -0.93
C GLY A 271 6.33 4.69 -0.83
N LYS A 272 5.69 4.19 -1.88
CA LYS A 272 5.32 2.78 -1.98
C LYS A 272 5.86 2.21 -3.28
N VAL A 273 6.43 1.01 -3.19
CA VAL A 273 7.07 0.37 -4.33
C VAL A 273 6.69 -1.10 -4.36
N VAL A 274 6.33 -1.61 -5.53
CA VAL A 274 6.15 -3.03 -5.77
C VAL A 274 7.38 -3.52 -6.50
N SER A 275 8.23 -4.29 -5.81
CA SER A 275 9.51 -4.70 -6.36
C SER A 275 9.77 -6.16 -5.99
N ASN A 276 10.64 -6.79 -6.78
CA ASN A 276 11.07 -8.16 -6.53
C ASN A 276 12.20 -8.13 -5.53
N GLN A 277 11.90 -8.46 -4.27
CA GLN A 277 12.86 -8.37 -3.19
C GLN A 277 12.93 -9.69 -2.43
N PRO A 278 14.08 -10.00 -1.83
CA PRO A 278 14.22 -11.27 -1.08
C PRO A 278 13.63 -11.17 0.32
N LEU A 279 12.31 -11.17 0.41
CA LEU A 279 11.61 -11.06 1.68
C LEU A 279 10.85 -12.31 2.08
N LEU A 280 10.77 -13.32 1.21
CA LEU A 280 10.11 -14.58 1.54
C LEU A 280 11.14 -15.46 2.23
N VAL A 281 11.12 -15.47 3.55
CA VAL A 281 12.15 -16.12 4.35
C VAL A 281 11.77 -17.58 4.58
N ASN A 282 12.76 -18.46 4.48
CA ASN A 282 12.57 -19.87 4.78
C ASN A 282 13.00 -20.24 6.19
N CYS A 283 14.05 -19.61 6.71
CA CYS A 283 14.54 -19.90 8.04
C CYS A 283 15.18 -18.65 8.62
N LEU A 284 14.99 -18.45 9.92
CA LEU A 284 15.54 -17.30 10.63
C LEU A 284 16.33 -17.81 11.83
N LEU A 285 17.63 -17.60 11.82
CA LEU A 285 18.52 -18.09 12.87
C LEU A 285 18.84 -16.93 13.81
N ALA A 286 18.13 -16.87 14.93
CA ALA A 286 18.41 -15.87 15.96
C ALA A 286 19.63 -16.32 16.76
N ILE A 287 20.69 -15.51 16.73
CA ILE A 287 21.96 -15.85 17.34
C ILE A 287 22.29 -14.76 18.36
N PRO A 288 22.56 -15.11 19.62
CA PRO A 288 22.90 -14.07 20.61
C PRO A 288 24.16 -13.31 20.22
N LYS A 289 24.17 -12.03 20.54
CA LYS A 289 25.26 -11.14 20.13
C LYS A 289 26.59 -11.54 20.75
N ILE A 290 26.59 -12.22 21.90
CA ILE A 290 27.84 -12.56 22.56
C ILE A 290 28.57 -13.68 21.83
N TYR A 291 27.89 -14.44 20.97
CA TYR A 291 28.47 -15.57 20.27
C TYR A 291 28.63 -15.24 18.80
N GLY A 292 29.79 -15.58 18.24
CA GLY A 292 29.99 -15.53 16.82
C GLY A 292 29.37 -16.71 16.13
N LEU A 293 29.50 -16.74 14.81
CA LEU A 293 28.93 -17.82 14.00
C LEU A 293 29.94 -18.28 12.96
N GLY A 294 30.26 -19.56 12.98
CA GLY A 294 31.02 -20.17 11.91
C GLY A 294 30.20 -21.27 11.27
N GLN A 295 29.77 -21.05 10.02
CA GLN A 295 28.82 -21.96 9.40
C GLN A 295 29.00 -21.92 7.89
N PHE A 296 28.74 -23.06 7.26
CA PHE A 296 28.80 -23.20 5.81
C PHE A 296 27.39 -23.05 5.25
N PHE A 297 27.20 -22.07 4.39
CA PHE A 297 25.91 -21.79 3.78
C PHE A 297 25.97 -22.10 2.28
N SER A 298 25.07 -22.94 1.81
CA SER A 298 25.01 -23.34 0.41
C SER A 298 23.67 -22.97 -0.17
N PHE A 299 23.69 -22.44 -1.40
CA PHE A 299 22.46 -22.09 -2.10
C PHE A 299 21.78 -23.30 -2.73
N ASN A 300 22.21 -24.51 -2.40
CA ASN A 300 21.63 -25.72 -2.96
C ASN A 300 21.05 -26.65 -1.91
N GLN A 301 21.09 -26.28 -0.63
CA GLN A 301 20.55 -27.12 0.43
C GLN A 301 19.90 -26.23 1.48
N THR A 302 18.89 -26.78 2.15
CA THR A 302 18.28 -26.07 3.27
C THR A 302 19.28 -25.92 4.39
N ILE A 303 19.41 -24.70 4.91
CA ILE A 303 20.45 -24.42 5.89
C ILE A 303 20.09 -25.03 7.23
N ASP A 304 21.12 -25.42 7.99
CA ASP A 304 20.95 -26.03 9.29
C ASP A 304 20.66 -24.96 10.33
N GLY A 305 20.70 -25.34 11.60
CA GLY A 305 20.39 -24.43 12.69
C GLY A 305 18.93 -24.48 13.09
N VAL A 306 18.65 -23.95 14.28
CA VAL A 306 17.32 -23.98 14.86
C VAL A 306 16.60 -22.72 14.39
N CYS A 307 15.71 -22.87 13.40
CA CYS A 307 14.90 -21.75 12.95
C CYS A 307 13.90 -21.36 14.02
N ASN A 308 13.80 -20.06 14.28
CA ASN A 308 12.90 -19.59 15.34
C ASN A 308 11.44 -19.88 14.99
N GLY A 309 11.04 -19.65 13.76
CA GLY A 309 9.69 -19.87 13.32
C GLY A 309 9.51 -21.21 12.61
N ALA A 310 8.50 -21.26 11.76
CA ALA A 310 8.21 -22.47 10.98
C ALA A 310 9.22 -22.57 9.85
N ALA A 311 10.11 -23.56 9.95
CA ALA A 311 11.14 -23.74 8.92
C ALA A 311 10.53 -24.26 7.63
N VAL A 312 11.12 -23.84 6.52
CA VAL A 312 10.71 -24.28 5.19
C VAL A 312 11.90 -24.96 4.54
N GLN A 313 11.71 -26.19 4.09
CA GLN A 313 12.79 -26.99 3.50
C GLN A 313 12.97 -26.61 2.04
N ARG A 314 13.50 -25.41 1.83
CA ARG A 314 13.77 -24.88 0.51
C ARG A 314 15.16 -24.28 0.48
N ALA A 315 15.89 -24.55 -0.61
CA ALA A 315 17.24 -24.04 -0.73
C ALA A 315 17.23 -22.52 -0.90
N PRO A 316 18.01 -21.78 -0.11
CA PRO A 316 18.00 -20.32 -0.25
C PRO A 316 18.66 -19.87 -1.54
N GLU A 317 18.20 -18.72 -2.04
CA GLU A 317 18.88 -18.00 -3.09
C GLU A 317 19.34 -16.61 -2.67
N ALA A 318 18.95 -16.16 -1.47
CA ALA A 318 19.38 -14.87 -0.95
C ALA A 318 19.29 -14.94 0.56
N LEU A 319 20.44 -15.01 1.23
CA LEU A 319 20.49 -15.04 2.68
C LEU A 319 20.96 -13.69 3.21
N ARG A 320 20.22 -13.16 4.18
CA ARG A 320 20.38 -11.79 4.66
C ARG A 320 20.94 -11.82 6.08
N PHE A 321 22.07 -11.16 6.27
CA PHE A 321 22.72 -11.10 7.58
C PHE A 321 22.36 -9.79 8.26
N ASN A 322 21.97 -9.87 9.53
CA ASN A 322 21.68 -8.69 10.34
C ASN A 322 22.65 -8.69 11.53
N ILE A 323 23.38 -7.59 11.68
CA ILE A 323 24.37 -7.43 12.73
C ILE A 323 24.13 -6.09 13.41
N ASN A 324 25.01 -5.75 14.35
CA ASN A 324 24.93 -4.50 15.10
C ASN A 324 26.10 -3.56 14.83
N ASP A 325 27.33 -4.06 14.80
CA ASP A 325 28.50 -3.21 14.62
C ASP A 325 29.44 -3.82 13.59
N THR A 326 30.27 -2.96 12.99
CA THR A 326 31.17 -3.37 11.94
C THR A 326 32.29 -4.29 12.43
N SER A 327 32.61 -4.25 13.73
CA SER A 327 33.71 -5.04 14.26
C SER A 327 33.52 -6.54 14.06
N VAL A 328 32.28 -6.97 13.82
CA VAL A 328 32.02 -8.39 13.59
C VAL A 328 32.65 -8.84 12.27
N ILE A 329 32.61 -7.97 11.27
CA ILE A 329 33.00 -8.36 9.92
C ILE A 329 34.46 -8.01 9.60
N LEU A 330 35.03 -7.02 10.30
CA LEU A 330 36.34 -6.48 9.91
C LEU A 330 37.44 -7.52 9.93
N ALA A 331 37.27 -8.63 10.63
CA ALA A 331 38.26 -9.69 10.63
C ALA A 331 38.48 -10.22 9.21
N GLU A 332 39.73 -10.46 8.86
CA GLU A 332 40.07 -10.91 7.52
C GLU A 332 39.50 -12.31 7.27
N GLY A 333 38.96 -12.51 6.07
CA GLY A 333 38.35 -13.77 5.73
C GLY A 333 37.01 -14.04 6.39
N SER A 334 36.34 -13.01 6.90
CA SER A 334 35.05 -13.21 7.54
C SER A 334 34.01 -13.74 6.54
N ILE A 335 34.02 -13.20 5.33
CA ILE A 335 33.09 -13.63 4.28
C ILE A 335 33.92 -14.24 3.16
N VAL A 336 33.63 -15.50 2.83
CA VAL A 336 34.27 -16.19 1.72
C VAL A 336 33.18 -16.69 0.78
N LEU A 337 33.24 -16.25 -0.46
CA LEU A 337 32.25 -16.62 -1.46
C LEU A 337 32.86 -17.62 -2.45
N HIS A 338 32.22 -18.77 -2.59
CA HIS A 338 32.64 -19.79 -3.54
C HIS A 338 31.73 -19.72 -4.76
N THR A 339 32.32 -19.45 -5.92
CA THR A 339 31.55 -19.43 -7.16
C THR A 339 31.27 -20.85 -7.63
N ALA A 340 30.38 -20.95 -8.62
CA ALA A 340 30.11 -22.25 -9.23
C ALA A 340 31.35 -22.81 -9.90
N LEU A 341 32.25 -21.94 -10.35
CA LEU A 341 33.50 -22.39 -10.97
C LEU A 341 34.52 -22.85 -9.93
N GLY A 342 34.26 -22.62 -8.65
CA GLY A 342 35.18 -22.97 -7.59
C GLY A 342 36.04 -21.84 -7.08
N THR A 343 36.00 -20.68 -7.74
CA THR A 343 36.80 -19.54 -7.30
C THR A 343 36.31 -19.03 -5.95
N ASN A 344 37.26 -18.63 -5.10
CA ASN A 344 36.95 -18.14 -3.76
C ASN A 344 37.26 -16.66 -3.67
N PHE A 345 36.40 -15.93 -2.95
CA PHE A 345 36.55 -14.50 -2.73
C PHE A 345 36.69 -14.24 -1.24
N SER A 346 37.91 -13.95 -0.80
CA SER A 346 38.18 -13.64 0.60
C SER A 346 37.90 -12.16 0.85
N PHE A 347 37.14 -11.89 1.90
CA PHE A 347 36.70 -10.53 2.21
C PHE A 347 37.70 -9.89 3.16
N VAL A 348 38.34 -8.80 2.70
CA VAL A 348 39.40 -8.14 3.44
C VAL A 348 39.06 -6.67 3.58
N CYS A 349 39.19 -6.14 4.79
CA CYS A 349 39.01 -4.72 5.06
C CYS A 349 40.27 -4.16 5.70
N SER A 350 40.65 -2.96 5.28
CA SER A 350 41.83 -2.29 5.82
C SER A 350 41.68 -0.79 5.60
N ASN A 351 42.48 -0.01 6.32
CA ASN A 351 42.47 1.43 6.19
C ASN A 351 43.47 1.94 5.14
N SER A 352 43.81 1.10 4.18
CA SER A 352 44.70 1.45 3.07
C SER A 352 43.92 1.36 1.76
N SER A 353 44.63 1.50 0.65
CA SER A 353 44.01 1.48 -0.67
C SER A 353 44.67 0.55 -1.67
N ASN A 354 45.94 0.20 -1.49
CA ASN A 354 46.68 -0.58 -2.48
C ASN A 354 47.11 -1.92 -1.90
N PRO A 355 46.35 -3.00 -2.13
CA PRO A 355 46.83 -4.33 -1.72
C PRO A 355 48.12 -4.70 -2.43
N HIS A 356 48.29 -4.28 -3.68
CA HIS A 356 49.47 -4.62 -4.46
C HIS A 356 50.72 -3.88 -3.98
N LEU A 357 50.55 -2.71 -3.35
CA LEU A 357 51.70 -1.89 -2.97
C LEU A 357 51.68 -1.49 -1.50
N ALA A 358 50.94 -2.20 -0.65
CA ALA A 358 50.91 -1.86 0.77
C ALA A 358 50.54 -3.11 1.57
N THR A 359 50.78 -3.04 2.87
CA THR A 359 50.49 -4.13 3.79
C THR A 359 49.15 -3.87 4.47
N PHE A 360 48.33 -4.92 4.59
CA PHE A 360 47.00 -4.82 5.17
C PHE A 360 46.92 -5.33 6.59
N ALA A 361 48.06 -5.60 7.23
CA ALA A 361 48.05 -5.96 8.65
C ALA A 361 47.51 -4.78 9.46
N ILE A 362 46.31 -4.93 10.00
CA ILE A 362 45.59 -3.80 10.59
C ILE A 362 46.20 -3.40 11.93
N PRO A 363 46.67 -2.14 12.05
CA PRO A 363 47.10 -1.62 13.37
C PRO A 363 46.04 -0.78 14.08
N LEU A 364 44.82 -0.70 13.56
CA LEU A 364 43.80 0.20 14.07
C LEU A 364 42.49 -0.53 14.26
N GLY A 365 41.68 -0.03 15.19
CA GLY A 365 40.37 -0.59 15.47
C GLY A 365 39.40 0.43 16.03
N ALA A 366 38.39 -0.06 16.75
CA ALA A 366 37.40 0.81 17.41
C ALA A 366 36.70 1.72 16.41
N THR A 367 36.48 1.22 15.19
CA THR A 367 35.80 1.94 14.12
C THR A 367 36.43 3.32 13.88
N GLN A 368 37.75 3.36 13.83
CA GLN A 368 38.45 4.61 13.52
C GLN A 368 38.81 4.65 12.04
N VAL A 369 38.59 5.81 11.42
CA VAL A 369 38.82 6.17 10.02
C VAL A 369 38.03 5.25 9.08
N PRO A 370 37.75 5.67 7.85
CA PRO A 370 37.01 4.80 6.93
C PRO A 370 37.79 3.54 6.59
N TYR A 371 37.05 2.46 6.39
CA TYR A 371 37.61 1.17 6.04
C TYR A 371 37.35 0.86 4.57
N TYR A 372 38.41 0.52 3.84
CA TYR A 372 38.31 0.15 2.45
C TYR A 372 38.31 -1.37 2.36
N CYS A 373 37.21 -1.95 1.87
CA CYS A 373 36.99 -3.39 1.90
C CYS A 373 37.05 -3.96 0.49
N PHE A 374 37.73 -5.10 0.35
CA PHE A 374 37.96 -5.74 -0.94
C PHE A 374 37.59 -7.21 -0.86
N PHE A 375 37.46 -7.82 -2.04
CA PHE A 375 37.46 -9.28 -2.17
C PHE A 375 38.79 -9.72 -2.75
N LYS A 376 39.45 -10.64 -2.06
CA LYS A 376 40.70 -11.22 -2.54
C LYS A 376 40.36 -12.49 -3.32
N VAL A 377 40.59 -12.45 -4.63
CA VAL A 377 40.38 -13.64 -5.45
C VAL A 377 41.51 -14.62 -5.18
N ASP A 378 41.16 -15.87 -4.87
CA ASP A 378 42.11 -16.87 -4.42
C ASP A 378 42.10 -18.04 -5.39
N THR A 379 43.10 -18.07 -6.29
CA THR A 379 43.33 -19.20 -7.17
C THR A 379 44.78 -19.14 -7.61
N TYR A 380 45.35 -20.30 -7.90
CA TYR A 380 46.76 -20.35 -8.29
C TYR A 380 46.95 -20.11 -9.79
N ASN A 381 46.30 -19.07 -10.29
CA ASN A 381 46.58 -18.50 -11.60
C ASN A 381 46.95 -17.04 -11.50
N SER A 382 46.16 -16.24 -10.76
CA SER A 382 46.46 -14.84 -10.48
C SER A 382 45.58 -14.40 -9.33
N THR A 383 46.19 -13.90 -8.26
CA THR A 383 45.48 -13.45 -7.07
C THR A 383 45.27 -11.94 -7.18
N VAL A 384 44.04 -11.54 -7.48
CA VAL A 384 43.70 -10.13 -7.65
C VAL A 384 42.67 -9.74 -6.61
N TYR A 385 42.60 -8.44 -6.35
CA TYR A 385 41.68 -7.89 -5.35
C TYR A 385 40.58 -7.11 -6.06
N LYS A 386 39.33 -7.40 -5.71
CA LYS A 386 38.18 -6.71 -6.27
C LYS A 386 37.58 -5.81 -5.20
N PHE A 387 37.49 -4.52 -5.52
CA PHE A 387 37.09 -3.50 -4.55
C PHE A 387 35.57 -3.50 -4.37
N LEU A 388 35.11 -3.60 -3.12
CA LEU A 388 33.68 -3.56 -2.84
C LEU A 388 33.17 -2.13 -2.76
N ALA A 389 33.63 -1.39 -1.75
CA ALA A 389 33.21 0.00 -1.49
C ALA A 389 33.94 0.44 -0.23
N VAL A 390 33.87 1.75 0.03
CA VAL A 390 34.30 2.27 1.32
C VAL A 390 33.25 1.88 2.34
N LEU A 391 33.67 1.16 3.38
CA LEU A 391 32.72 0.66 4.36
C LEU A 391 32.08 1.83 5.09
N PRO A 392 30.75 1.89 5.18
CA PRO A 392 30.10 2.98 5.90
C PRO A 392 30.44 2.92 7.38
N PRO A 393 30.31 4.04 8.09
CA PRO A 393 30.67 4.04 9.52
C PRO A 393 29.87 3.06 10.35
N THR A 394 28.70 2.65 9.89
CA THR A 394 27.86 1.71 10.62
C THR A 394 27.22 0.75 9.62
N VAL A 395 27.67 -0.50 9.64
CA VAL A 395 27.09 -1.55 8.82
C VAL A 395 26.10 -2.33 9.67
N ARG A 396 24.87 -2.47 9.19
CA ARG A 396 23.83 -3.15 9.94
C ARG A 396 23.29 -4.39 9.26
N GLU A 397 23.11 -4.38 7.94
CA GLU A 397 22.71 -5.57 7.23
C GLU A 397 23.52 -5.72 5.96
N ILE A 398 24.13 -6.89 5.80
CA ILE A 398 24.75 -7.32 4.56
C ILE A 398 23.99 -8.54 4.07
N VAL A 399 23.51 -8.49 2.83
CA VAL A 399 22.76 -9.58 2.24
C VAL A 399 23.50 -10.04 0.99
N ILE A 400 23.76 -11.34 0.91
CA ILE A 400 24.45 -11.96 -0.21
C ILE A 400 23.49 -12.94 -0.86
N THR A 401 23.36 -12.84 -2.18
CA THR A 401 22.45 -13.68 -2.93
C THR A 401 23.22 -14.35 -4.06
N LYS A 402 22.64 -15.44 -4.57
CA LYS A 402 23.18 -16.04 -5.78
C LYS A 402 22.90 -15.11 -6.97
N TYR A 403 23.32 -15.55 -8.15
CA TYR A 403 23.44 -14.74 -9.36
C TYR A 403 24.55 -13.70 -9.24
N GLY A 404 25.37 -13.77 -8.19
CA GLY A 404 26.49 -12.87 -8.03
C GLY A 404 26.11 -11.45 -7.71
N ASP A 405 25.57 -11.21 -6.52
CA ASP A 405 25.18 -9.87 -6.12
C ASP A 405 25.29 -9.76 -4.60
N VAL A 406 26.01 -8.76 -4.14
CA VAL A 406 26.23 -8.51 -2.72
C VAL A 406 25.80 -7.09 -2.39
N TYR A 407 25.05 -6.94 -1.30
CA TYR A 407 24.55 -5.65 -0.88
C TYR A 407 25.04 -5.31 0.52
N VAL A 408 25.41 -4.05 0.72
CA VAL A 408 25.78 -3.53 2.03
C VAL A 408 24.86 -2.35 2.33
N ASN A 409 24.10 -2.45 3.42
CA ASN A 409 23.13 -1.43 3.80
C ASN A 409 22.16 -1.13 2.67
N GLY A 410 21.73 -2.19 1.97
CA GLY A 410 20.73 -2.05 0.94
C GLY A 410 21.22 -1.47 -0.38
N PHE A 411 22.51 -1.51 -0.66
CA PHE A 411 23.05 -1.01 -1.92
C PHE A 411 23.88 -2.10 -2.57
N GLY A 412 23.63 -2.35 -3.86
CA GLY A 412 24.34 -3.37 -4.59
C GLY A 412 25.69 -2.92 -5.09
N TYR A 413 26.67 -2.87 -4.19
CA TYR A 413 27.98 -2.32 -4.55
C TYR A 413 28.67 -3.13 -5.63
N LEU A 414 28.62 -4.45 -5.54
CA LEU A 414 29.45 -5.30 -6.38
C LEU A 414 28.63 -6.48 -6.89
N HIS A 415 29.01 -6.97 -8.08
CA HIS A 415 28.35 -8.10 -8.73
C HIS A 415 29.37 -9.15 -9.10
N LEU A 416 28.93 -10.41 -9.16
CA LEU A 416 29.80 -11.53 -9.49
C LEU A 416 29.02 -12.52 -10.35
N GLY A 417 29.62 -13.69 -10.58
CA GLY A 417 28.95 -14.78 -11.25
C GLY A 417 28.11 -15.59 -10.27
N LEU A 418 27.45 -16.61 -10.82
CA LEU A 418 26.54 -17.43 -10.02
C LEU A 418 27.23 -18.07 -8.83
N LEU A 419 26.87 -17.66 -7.62
CA LEU A 419 27.41 -18.27 -6.42
C LEU A 419 26.71 -19.61 -6.14
N ASP A 420 27.37 -20.43 -5.34
CA ASP A 420 26.76 -21.67 -4.84
C ASP A 420 26.98 -21.92 -3.36
N ALA A 421 27.96 -21.27 -2.72
CA ALA A 421 28.23 -21.51 -1.32
C ALA A 421 28.86 -20.27 -0.70
N VAL A 422 28.51 -20.02 0.56
CA VAL A 422 29.03 -18.89 1.32
C VAL A 422 29.40 -19.38 2.72
N THR A 423 30.59 -19.03 3.18
CA THR A 423 31.03 -19.37 4.54
C THR A 423 31.14 -18.10 5.37
N ILE A 424 30.74 -18.19 6.63
CA ILE A 424 30.70 -17.06 7.54
C ILE A 424 31.62 -17.36 8.72
N ASN A 425 32.51 -16.41 9.02
CA ASN A 425 33.43 -16.52 10.15
C ASN A 425 33.38 -15.18 10.88
N PHE A 426 32.50 -15.08 11.86
CA PHE A 426 32.23 -13.83 12.56
C PHE A 426 32.93 -13.83 13.93
N THR A 427 32.93 -12.66 14.57
CA THR A 427 33.73 -12.41 15.76
C THR A 427 32.86 -11.76 16.86
N GLY A 428 31.75 -12.42 17.18
CA GLY A 428 30.95 -12.00 18.31
C GLY A 428 30.38 -10.61 18.12
N HIS A 429 30.68 -9.73 19.06
CA HIS A 429 30.30 -8.32 18.99
C HIS A 429 31.31 -7.48 19.75
N GLY A 430 30.98 -6.22 19.97
CA GLY A 430 31.91 -5.28 20.57
C GLY A 430 32.06 -5.37 22.07
N THR A 431 31.27 -6.21 22.73
CA THR A 431 31.32 -6.47 24.17
C THR A 431 31.04 -5.22 25.01
N ASP A 432 30.63 -4.11 24.38
CA ASP A 432 30.26 -2.91 25.10
C ASP A 432 28.76 -2.66 25.12
N ASP A 433 28.00 -3.35 24.27
CA ASP A 433 26.54 -3.42 24.41
C ASP A 433 26.11 -4.71 23.72
N ASP A 434 25.87 -5.75 24.50
CA ASP A 434 25.53 -7.06 23.98
C ASP A 434 24.10 -7.42 24.34
N VAL A 435 23.71 -8.63 23.93
CA VAL A 435 22.41 -9.27 24.19
C VAL A 435 21.26 -8.28 24.24
N SER A 436 21.31 -7.26 23.37
CA SER A 436 20.16 -6.37 23.16
C SER A 436 19.22 -7.03 22.15
N GLY A 437 18.84 -8.27 22.46
CA GLY A 437 18.18 -9.14 21.52
C GLY A 437 19.16 -10.13 20.93
N PHE A 438 19.03 -10.42 19.64
CA PHE A 438 19.95 -11.30 18.95
C PHE A 438 20.28 -10.72 17.59
N TRP A 439 21.47 -11.03 17.08
CA TRP A 439 21.80 -10.72 15.70
C TRP A 439 21.40 -11.92 14.86
N THR A 440 20.59 -11.68 13.83
CA THR A 440 19.90 -12.75 13.12
C THR A 440 20.36 -12.82 11.67
N ILE A 441 20.21 -14.01 11.10
CA ILE A 441 20.46 -14.25 9.68
C ILE A 441 19.24 -14.95 9.11
N ALA A 442 18.85 -14.56 7.90
CA ALA A 442 17.60 -15.01 7.32
C ALA A 442 17.84 -15.69 5.99
N SER A 443 17.31 -16.91 5.85
CA SER A 443 17.31 -17.64 4.59
C SER A 443 16.07 -17.25 3.81
N THR A 444 16.22 -16.39 2.81
CA THR A 444 15.09 -15.79 2.12
C THR A 444 15.08 -16.17 0.64
N ASN A 445 13.93 -15.92 0.01
CA ASN A 445 13.77 -16.11 -1.43
C ASN A 445 13.17 -14.84 -2.02
N PHE A 446 13.50 -14.57 -3.28
CA PHE A 446 12.98 -13.40 -3.96
C PHE A 446 11.48 -13.53 -4.19
N VAL A 447 10.77 -12.43 -4.00
CA VAL A 447 9.32 -12.41 -4.20
C VAL A 447 8.91 -10.96 -4.45
N ASP A 448 7.90 -10.79 -5.30
CA ASP A 448 7.36 -9.47 -5.57
C ASP A 448 6.38 -9.11 -4.47
N ALA A 449 6.68 -8.06 -3.71
CA ALA A 449 5.86 -7.64 -2.59
C ALA A 449 5.68 -6.13 -2.60
N LEU A 450 4.49 -5.68 -2.21
CA LEU A 450 4.24 -4.26 -2.04
C LEU A 450 4.91 -3.77 -0.76
N ILE A 451 5.67 -2.69 -0.88
CA ILE A 451 6.53 -2.21 0.20
C ILE A 451 6.15 -0.78 0.53
N GLU A 452 5.88 -0.52 1.81
CA GLU A 452 5.63 0.83 2.32
C GLU A 452 6.89 1.29 3.06
N VAL A 453 7.51 2.36 2.56
CA VAL A 453 8.74 2.88 3.14
C VAL A 453 8.57 4.36 3.41
N GLN A 454 8.91 4.78 4.62
CA GLN A 454 9.00 6.19 4.98
C GLN A 454 10.30 6.41 5.75
N GLY A 455 10.92 7.56 5.53
CA GLY A 455 12.23 7.81 6.12
C GLY A 455 13.25 6.77 5.72
N THR A 456 13.27 6.40 4.43
CA THR A 456 14.14 5.38 3.84
C THR A 456 14.24 4.11 4.70
N ALA A 457 13.18 3.79 5.44
CA ALA A 457 13.14 2.58 6.25
C ALA A 457 11.79 1.89 6.08
N ILE A 458 11.81 0.56 6.01
CA ILE A 458 10.59 -0.21 5.84
C ILE A 458 9.78 -0.19 7.12
N GLN A 459 8.45 -0.19 6.98
CA GLN A 459 7.57 -0.30 8.14
C GLN A 459 6.45 -1.33 7.98
N ARG A 460 6.05 -1.67 6.76
CA ARG A 460 5.06 -2.72 6.56
C ARG A 460 5.16 -3.22 5.13
N ILE A 461 4.81 -4.50 4.93
CA ILE A 461 4.96 -5.16 3.65
C ILE A 461 3.69 -5.97 3.36
N LEU A 462 3.52 -6.32 2.09
CA LEU A 462 2.38 -7.13 1.66
C LEU A 462 2.83 -7.99 0.49
N TYR A 463 2.85 -9.30 0.68
CA TYR A 463 3.28 -10.21 -0.38
C TYR A 463 2.21 -10.31 -1.47
N CYS A 464 2.67 -10.39 -2.71
CA CYS A 464 1.77 -10.48 -3.86
C CYS A 464 1.65 -11.94 -4.32
N ASP A 465 1.01 -12.74 -3.48
CA ASP A 465 0.70 -14.13 -3.81
C ASP A 465 -0.79 -14.42 -3.79
N ASP A 466 -1.49 -13.97 -2.75
CA ASP A 466 -2.93 -14.16 -2.66
C ASP A 466 -3.61 -13.41 -3.80
N PRO A 467 -4.61 -13.99 -4.44
CA PRO A 467 -5.37 -13.23 -5.45
C PRO A 467 -5.91 -11.90 -4.94
N VAL A 468 -6.35 -11.83 -3.68
CA VAL A 468 -6.66 -10.55 -3.08
C VAL A 468 -5.42 -9.68 -3.01
N SER A 469 -4.31 -10.25 -2.54
CA SER A 469 -3.04 -9.53 -2.53
C SER A 469 -2.55 -9.23 -3.94
N GLN A 470 -2.83 -10.12 -4.90
CA GLN A 470 -2.48 -9.84 -6.28
C GLN A 470 -3.23 -8.61 -6.79
N LEU A 471 -4.51 -8.51 -6.47
CA LEU A 471 -5.29 -7.32 -6.84
C LEU A 471 -4.74 -6.09 -6.16
N LYS A 472 -4.37 -6.20 -4.87
CA LYS A 472 -3.82 -5.06 -4.16
C LYS A 472 -2.52 -4.59 -4.81
N CYS A 473 -1.67 -5.53 -5.22
CA CYS A 473 -0.42 -5.18 -5.88
C CYS A 473 -0.63 -4.72 -7.32
N SER A 474 -1.78 -5.03 -7.91
CA SER A 474 -2.09 -4.49 -9.23
C SER A 474 -2.15 -2.97 -9.19
N GLN A 475 -2.80 -2.43 -8.16
CA GLN A 475 -2.69 -1.01 -7.85
C GLN A 475 -1.51 -0.82 -6.89
N VAL A 476 -1.37 0.35 -6.32
CA VAL A 476 -0.35 0.62 -5.31
C VAL A 476 -1.08 1.13 -4.08
N ALA A 477 -1.47 0.20 -3.20
CA ALA A 477 -2.21 0.52 -1.99
C ALA A 477 -2.30 -0.74 -1.13
N PHE A 478 -2.30 -0.54 0.18
CA PHE A 478 -2.48 -1.64 1.12
C PHE A 478 -3.95 -1.87 1.46
N ASP A 479 -4.74 -0.81 1.51
CA ASP A 479 -6.18 -0.90 1.71
C ASP A 479 -6.90 -0.40 0.47
N LEU A 480 -7.98 -1.09 0.11
CA LEU A 480 -8.76 -0.76 -1.07
C LEU A 480 -10.21 -0.55 -0.67
N ASP A 481 -10.80 0.54 -1.15
CA ASP A 481 -12.20 0.82 -0.87
C ASP A 481 -13.09 -0.16 -1.62
N ASP A 482 -14.34 -0.26 -1.16
CA ASP A 482 -15.30 -1.16 -1.79
C ASP A 482 -15.56 -0.73 -3.22
N GLY A 483 -15.56 -1.71 -4.12
CA GLY A 483 -15.82 -1.42 -5.53
C GLY A 483 -15.44 -2.61 -6.39
N PHE A 484 -15.68 -2.43 -7.68
CA PHE A 484 -15.36 -3.45 -8.68
C PHE A 484 -14.03 -3.08 -9.34
N TYR A 485 -13.06 -3.98 -9.24
CA TYR A 485 -11.74 -3.75 -9.79
C TYR A 485 -11.46 -4.73 -10.93
N PRO A 486 -10.95 -4.26 -12.06
CA PRO A 486 -10.63 -5.18 -13.15
C PRO A 486 -9.61 -6.22 -12.72
N PHE A 487 -9.81 -7.45 -13.19
CA PHE A 487 -8.95 -8.56 -12.85
C PHE A 487 -8.77 -9.44 -14.08
N SER A 488 -7.54 -9.86 -14.32
CA SER A 488 -7.19 -10.66 -15.49
C SER A 488 -7.43 -12.13 -15.17
N SER A 489 -8.02 -12.85 -16.12
CA SER A 489 -8.21 -14.29 -15.96
C SER A 489 -6.86 -14.99 -15.83
N ARG A 490 -6.78 -15.94 -14.90
CA ARG A 490 -5.52 -16.63 -14.67
C ARG A 490 -5.13 -17.45 -15.89
N ASN A 491 -3.89 -17.29 -16.34
CA ASN A 491 -3.38 -18.00 -17.50
C ASN A 491 -2.59 -19.23 -17.05
N LEU A 492 -2.06 -19.96 -18.02
CA LEU A 492 -1.22 -21.11 -17.73
C LEU A 492 0.10 -20.65 -17.14
N LEU A 493 0.39 -21.09 -15.91
CA LEU A 493 1.66 -20.73 -15.28
C LEU A 493 2.84 -21.26 -16.07
N SER A 494 2.76 -22.50 -16.53
CA SER A 494 3.73 -23.07 -17.45
C SER A 494 3.26 -22.77 -18.87
N HIS A 495 4.00 -21.91 -19.58
CA HIS A 495 3.52 -21.44 -20.88
C HIS A 495 3.48 -22.57 -21.90
N GLU A 496 4.61 -23.25 -22.11
CA GLU A 496 4.75 -24.39 -23.02
C GLU A 496 3.93 -24.23 -24.29
N GLN A 497 3.91 -23.02 -24.85
CA GLN A 497 2.97 -22.71 -25.91
C GLN A 497 3.45 -23.27 -27.24
N PRO A 498 2.65 -24.10 -27.91
CA PRO A 498 3.01 -24.51 -29.27
C PRO A 498 2.97 -23.32 -30.22
N ILE A 499 3.77 -23.40 -31.27
CA ILE A 499 3.89 -22.33 -32.26
C ILE A 499 3.01 -22.66 -33.45
N SER A 500 2.21 -21.70 -33.89
CA SER A 500 1.36 -21.84 -35.05
C SER A 500 1.81 -20.89 -36.14
N PHE A 501 1.66 -21.33 -37.39
CA PHE A 501 2.13 -20.57 -38.54
C PHE A 501 1.32 -20.96 -39.75
N VAL A 502 0.55 -20.03 -40.30
CA VAL A 502 -0.32 -20.29 -41.45
C VAL A 502 -0.08 -19.22 -42.50
N THR A 503 0.21 -19.65 -43.72
CA THR A 503 0.33 -18.75 -44.87
C THR A 503 -0.34 -19.41 -46.07
N LEU A 504 -0.19 -18.77 -47.22
CA LEU A 504 -0.82 -19.29 -48.45
C LEU A 504 -0.16 -20.60 -48.86
N PRO A 505 -0.94 -21.55 -49.39
CA PRO A 505 -0.33 -22.76 -49.96
C PRO A 505 0.47 -22.42 -51.21
N SER A 506 1.56 -23.16 -51.38
CA SER A 506 2.43 -23.01 -52.54
C SER A 506 3.42 -24.17 -52.56
N PHE A 507 3.94 -24.47 -53.75
CA PHE A 507 4.95 -25.51 -53.88
C PHE A 507 6.15 -25.20 -53.00
N ASN A 508 6.43 -26.08 -52.06
CA ASN A 508 7.49 -25.85 -51.08
C ASN A 508 8.84 -25.72 -51.76
N ALA A 509 9.59 -24.68 -51.37
CA ALA A 509 10.92 -24.44 -51.89
C ALA A 509 11.68 -23.58 -50.89
N HIS A 510 12.90 -23.98 -50.56
CA HIS A 510 13.71 -23.28 -49.58
C HIS A 510 15.08 -22.98 -50.17
N SER A 511 15.61 -21.81 -49.84
CA SER A 511 16.93 -21.40 -50.29
C SER A 511 17.66 -20.71 -49.15
N PHE A 512 18.95 -20.99 -49.01
CA PHE A 512 19.75 -20.37 -47.97
C PHE A 512 20.42 -19.11 -48.50
N VAL A 513 20.20 -17.99 -47.80
CA VAL A 513 20.90 -16.75 -48.05
C VAL A 513 21.88 -16.56 -46.90
N ASN A 514 23.17 -16.60 -47.20
CA ASN A 514 24.17 -16.69 -46.13
C ASN A 514 24.82 -15.34 -45.83
N ILE A 515 25.31 -14.65 -46.86
CA ILE A 515 26.01 -13.37 -46.71
C ILE A 515 27.26 -13.59 -45.87
N THR A 516 28.40 -13.73 -46.54
CA THR A 516 29.68 -13.94 -45.87
C THR A 516 30.51 -12.67 -46.00
N VAL A 517 30.96 -12.14 -44.87
CA VAL A 517 31.77 -10.93 -44.83
C VAL A 517 33.22 -11.32 -44.55
N SER A 518 34.12 -10.89 -45.42
CA SER A 518 35.54 -11.19 -45.30
C SER A 518 36.31 -9.91 -45.02
N ALA A 519 37.11 -9.93 -43.94
CA ALA A 519 37.86 -8.76 -43.55
C ALA A 519 39.12 -9.19 -42.81
N SER A 520 40.09 -8.29 -42.79
CA SER A 520 41.32 -8.46 -42.02
C SER A 520 41.63 -7.13 -41.33
N PHE A 521 41.66 -7.15 -40.01
CA PHE A 521 41.77 -5.93 -39.22
C PHE A 521 43.02 -5.99 -38.35
N GLY A 522 43.22 -4.95 -37.55
CA GLY A 522 44.32 -4.88 -36.61
C GLY A 522 45.56 -4.20 -37.15
N GLY A 523 46.19 -4.81 -38.14
CA GLY A 523 47.44 -4.25 -38.65
C GLY A 523 48.49 -4.20 -37.56
N HIS A 524 49.04 -3.01 -37.33
CA HIS A 524 49.97 -2.78 -36.24
C HIS A 524 49.24 -2.15 -35.06
N SER A 525 49.50 -2.65 -33.86
CA SER A 525 48.90 -2.19 -32.61
C SER A 525 47.39 -2.39 -32.57
N GLY A 526 46.84 -3.19 -33.47
CA GLY A 526 45.42 -3.56 -33.41
C GLY A 526 44.45 -2.47 -33.79
N ALA A 527 44.91 -1.28 -34.17
CA ALA A 527 44.04 -0.17 -34.50
C ALA A 527 44.01 0.13 -35.99
N ASN A 528 44.63 -0.71 -36.82
CA ASN A 528 44.71 -0.50 -38.25
C ASN A 528 43.79 -1.48 -38.98
N LEU A 529 43.65 -1.28 -40.29
CA LEU A 529 42.82 -2.12 -41.13
C LEU A 529 43.65 -2.59 -42.32
N ILE A 530 43.22 -3.71 -42.89
CA ILE A 530 43.89 -4.28 -44.06
C ILE A 530 42.91 -4.38 -45.21
N ALA A 531 41.82 -5.12 -45.02
CA ALA A 531 40.83 -5.30 -46.07
C ALA A 531 39.49 -5.61 -45.43
N SER A 532 38.44 -5.45 -46.23
CA SER A 532 37.07 -5.74 -45.77
C SER A 532 36.18 -5.91 -47.00
N ASP A 533 35.42 -6.99 -47.03
CA ASP A 533 34.53 -7.26 -48.16
C ASP A 533 33.45 -8.22 -47.70
N THR A 534 32.36 -8.27 -48.48
CA THR A 534 31.27 -9.18 -48.19
C THR A 534 30.60 -9.59 -49.50
N THR A 535 30.10 -10.82 -49.52
CA THR A 535 29.39 -11.36 -50.67
C THR A 535 28.14 -12.08 -50.20
N ILE A 536 27.08 -11.95 -50.99
CA ILE A 536 25.80 -12.58 -50.69
C ILE A 536 25.68 -13.79 -51.60
N ASN A 537 25.90 -14.98 -51.02
CA ASN A 537 25.88 -16.24 -51.76
C ASN A 537 26.84 -16.19 -52.95
N GLY A 538 28.00 -15.57 -52.74
CA GLY A 538 28.98 -15.41 -53.80
C GLY A 538 28.71 -14.27 -54.76
N PHE A 539 27.80 -13.36 -54.42
CA PHE A 539 27.44 -12.26 -55.29
C PHE A 539 27.23 -10.99 -54.47
N SER A 540 27.33 -9.85 -55.14
CA SER A 540 27.08 -8.56 -54.50
C SER A 540 25.60 -8.28 -54.27
N SER A 541 24.72 -9.03 -54.92
CA SER A 541 23.28 -8.84 -54.74
C SER A 541 22.59 -10.18 -54.91
N PHE A 542 21.38 -10.27 -54.35
CA PHE A 542 20.60 -11.51 -54.42
C PHE A 542 19.13 -11.17 -54.28
N CYS A 543 18.30 -11.97 -54.95
CA CYS A 543 16.85 -11.85 -54.85
C CYS A 543 16.27 -13.21 -54.52
N VAL A 544 15.49 -13.29 -53.45
CA VAL A 544 14.92 -14.56 -53.01
C VAL A 544 13.77 -14.93 -53.93
N ASP A 545 13.81 -16.15 -54.45
CA ASP A 545 12.76 -16.67 -55.33
C ASP A 545 11.99 -17.83 -54.70
N THR A 546 12.67 -18.70 -53.96
CA THR A 546 11.98 -19.79 -53.28
C THR A 546 11.07 -19.23 -52.18
N ARG A 547 10.03 -19.99 -51.86
CA ARG A 547 9.06 -19.52 -50.87
C ARG A 547 9.70 -19.36 -49.49
N GLN A 548 10.41 -20.38 -49.03
CA GLN A 548 11.11 -20.30 -47.76
C GLN A 548 12.54 -19.82 -47.97
N PHE A 549 13.04 -19.06 -46.99
CA PHE A 549 14.44 -18.66 -46.99
C PHE A 549 14.87 -18.45 -45.55
N THR A 550 16.17 -18.64 -45.31
CA THR A 550 16.74 -18.54 -43.97
C THR A 550 18.09 -17.85 -44.07
N ILE A 551 18.24 -16.73 -43.37
CA ILE A 551 19.51 -16.03 -43.35
C ILE A 551 20.44 -16.71 -42.36
N SER A 552 21.73 -16.71 -42.67
CA SER A 552 22.74 -17.27 -41.77
C SER A 552 24.04 -16.47 -41.97
N LEU A 553 24.21 -15.44 -41.16
CA LEU A 553 25.36 -14.56 -41.30
C LEU A 553 26.62 -15.27 -40.81
N SER A 554 27.71 -15.09 -41.54
CA SER A 554 29.00 -15.65 -41.18
C SER A 554 30.05 -14.54 -41.16
N TYR A 555 31.04 -14.68 -40.29
CA TYR A 555 32.05 -13.66 -40.07
C TYR A 555 33.43 -14.22 -40.40
N ASN A 556 33.92 -13.92 -41.60
CA ASN A 556 35.28 -14.26 -42.01
C ASN A 556 36.20 -13.07 -41.77
N VAL A 557 36.27 -12.65 -40.52
CA VAL A 557 37.06 -11.49 -40.11
C VAL A 557 38.14 -11.95 -39.14
N THR A 558 39.39 -11.58 -39.41
CA THR A 558 40.53 -11.97 -38.60
C THR A 558 41.29 -10.73 -38.18
N ASN A 559 41.56 -10.60 -36.88
CA ASN A 559 42.34 -9.50 -36.34
C ASN A 559 43.78 -9.96 -36.14
N SER A 560 44.72 -9.14 -36.63
CA SER A 560 46.13 -9.45 -36.44
C SER A 560 46.53 -9.36 -34.98
N TYR A 561 45.77 -8.63 -34.17
CA TYR A 561 46.09 -8.47 -32.76
C TYR A 561 45.31 -9.43 -31.86
N GLY A 562 44.14 -9.91 -32.29
CA GLY A 562 43.35 -10.78 -31.46
C GLY A 562 41.94 -11.06 -31.96
N TYR A 563 40.96 -10.87 -31.09
CA TYR A 563 39.56 -11.14 -31.40
C TYR A 563 38.90 -9.92 -32.02
N VAL A 564 37.82 -10.17 -32.76
CA VAL A 564 37.04 -9.12 -33.42
C VAL A 564 35.65 -9.11 -32.82
N SER A 565 35.25 -7.97 -32.25
CA SER A 565 33.91 -7.80 -31.72
C SER A 565 32.99 -7.29 -32.81
N ASN A 566 31.88 -7.98 -33.00
CA ASN A 566 30.94 -7.67 -34.09
C ASN A 566 29.61 -7.21 -33.50
N SER A 567 29.10 -6.11 -34.03
CA SER A 567 27.80 -5.58 -33.64
C SER A 567 26.98 -5.28 -34.88
N GLN A 568 25.67 -5.39 -34.74
CA GLN A 568 24.73 -5.27 -35.86
C GLN A 568 23.79 -4.09 -35.63
N ASP A 569 23.69 -3.22 -36.64
CA ASP A 569 22.76 -2.11 -36.60
C ASP A 569 21.40 -2.56 -37.13
N SER A 570 20.41 -1.67 -37.05
CA SER A 570 19.07 -2.00 -37.52
C SER A 570 18.31 -0.71 -37.78
N ASN A 571 17.84 -0.53 -39.01
CA ASN A 571 16.97 0.58 -39.38
C ASN A 571 15.77 0.07 -40.19
N CYS A 572 15.31 -1.13 -39.87
CA CYS A 572 14.25 -1.82 -40.58
C CYS A 572 13.27 -2.37 -39.56
N PRO A 573 12.05 -2.71 -39.99
CA PRO A 573 11.11 -3.40 -39.08
C PRO A 573 11.58 -4.78 -38.65
N PHE A 574 12.78 -5.19 -39.05
CA PHE A 574 13.30 -6.52 -38.75
C PHE A 574 14.80 -6.43 -38.49
N THR A 575 15.31 -7.47 -37.84
CA THR A 575 16.74 -7.68 -37.69
C THR A 575 17.12 -8.98 -38.40
N LEU A 576 18.43 -9.19 -38.56
CA LEU A 576 18.90 -10.41 -39.21
C LEU A 576 18.47 -11.65 -38.43
N GLN A 577 18.42 -11.55 -37.10
CA GLN A 577 17.95 -12.68 -36.30
C GLN A 577 16.43 -12.81 -36.35
N SER A 578 15.72 -11.76 -36.79
CA SER A 578 14.27 -11.74 -36.76
C SER A 578 13.62 -12.15 -38.07
N VAL A 579 14.33 -12.06 -39.20
CA VAL A 579 13.74 -12.45 -40.47
C VAL A 579 13.39 -13.94 -40.48
N ASN A 580 14.15 -14.75 -39.76
CA ASN A 580 13.87 -16.17 -39.66
C ASN A 580 12.65 -16.46 -38.81
N ASP A 581 12.11 -15.47 -38.11
CA ASP A 581 10.96 -15.66 -37.22
C ASP A 581 9.65 -15.49 -38.00
N TYR A 582 9.55 -16.22 -39.11
CA TYR A 582 8.33 -16.31 -39.92
C TYR A 582 7.86 -14.95 -40.42
N LEU A 583 8.80 -14.05 -40.69
CA LEU A 583 8.44 -12.80 -41.37
C LEU A 583 8.06 -13.08 -42.81
N SER A 584 7.01 -12.42 -43.29
CA SER A 584 6.47 -12.66 -44.62
C SER A 584 6.61 -11.42 -45.48
N PHE A 585 6.95 -11.63 -46.75
CA PHE A 585 7.09 -10.54 -47.71
C PHE A 585 6.62 -11.01 -49.07
N SER A 586 6.30 -10.03 -49.93
CA SER A 586 5.99 -10.34 -51.32
C SER A 586 7.24 -10.45 -52.17
N LYS A 587 8.24 -9.62 -51.88
CA LYS A 587 9.55 -9.70 -52.52
C LYS A 587 10.61 -9.34 -51.49
N PHE A 588 11.81 -9.87 -51.69
CA PHE A 588 12.89 -9.67 -50.72
C PHE A 588 14.22 -9.79 -51.47
N CYS A 589 14.82 -8.65 -51.78
CA CYS A 589 16.10 -8.59 -52.48
C CYS A 589 17.11 -7.89 -51.59
N VAL A 590 18.29 -8.50 -51.44
CA VAL A 590 19.37 -7.96 -50.62
C VAL A 590 20.52 -7.58 -51.53
N SER A 591 20.97 -6.33 -51.43
CA SER A 591 22.09 -5.83 -52.22
C SER A 591 23.09 -5.15 -51.30
N THR A 592 24.37 -5.48 -51.50
CA THR A 592 25.42 -4.86 -50.70
C THR A 592 25.63 -3.40 -51.04
N SER A 593 25.08 -2.93 -52.15
CA SER A 593 25.14 -1.53 -52.56
C SER A 593 23.79 -0.88 -52.40
N LEU A 594 23.75 0.43 -52.61
CA LEU A 594 22.50 1.19 -52.46
C LEU A 594 21.44 0.65 -53.41
N LEU A 595 20.24 0.44 -52.87
CA LEU A 595 19.12 -0.09 -53.65
C LEU A 595 17.89 0.78 -53.41
N ALA A 596 17.07 0.90 -54.45
CA ALA A 596 15.90 1.78 -54.39
C ALA A 596 14.89 1.25 -53.37
N SER A 597 14.39 2.17 -52.54
CA SER A 597 13.37 1.88 -51.53
C SER A 597 13.80 0.77 -50.57
N ALA A 598 15.10 0.63 -50.36
CA ALA A 598 15.62 -0.44 -49.51
C ALA A 598 16.06 0.14 -48.16
N CYS A 599 15.56 -0.44 -47.08
CA CYS A 599 16.03 -0.07 -45.76
C CYS A 599 17.46 -0.55 -45.55
N THR A 600 18.17 0.11 -44.64
CA THR A 600 19.59 -0.10 -44.45
C THR A 600 19.87 -0.78 -43.12
N ILE A 601 20.76 -1.76 -43.13
CA ILE A 601 21.29 -2.39 -41.93
C ILE A 601 22.80 -2.43 -42.04
N ASP A 602 23.49 -1.93 -41.03
CA ASP A 602 24.94 -1.83 -41.04
C ASP A 602 25.55 -2.82 -40.05
N LEU A 603 26.76 -3.28 -40.36
CA LEU A 603 27.50 -4.21 -39.52
C LEU A 603 28.79 -3.53 -39.09
N PHE A 604 29.07 -3.57 -37.78
CA PHE A 604 30.23 -2.89 -37.21
C PHE A 604 31.22 -3.92 -36.68
N GLY A 605 32.49 -3.68 -36.95
CA GLY A 605 33.55 -4.55 -36.46
C GLY A 605 34.47 -3.85 -35.48
N TYR A 606 34.69 -4.45 -34.33
CA TYR A 606 35.54 -3.86 -33.29
C TYR A 606 36.68 -4.81 -32.94
N PRO A 607 37.93 -4.48 -33.27
CA PRO A 607 39.05 -5.32 -32.82
C PRO A 607 39.33 -5.14 -31.33
N GLU A 608 40.42 -5.74 -30.85
CA GLU A 608 40.72 -5.70 -29.43
C GLU A 608 40.96 -4.27 -28.94
N PHE A 609 41.64 -3.46 -29.74
CA PHE A 609 41.94 -2.07 -29.37
C PHE A 609 40.99 -1.07 -30.02
N GLY A 610 39.88 -1.55 -30.56
CA GLY A 610 38.79 -0.68 -30.95
C GLY A 610 39.05 0.26 -32.12
N SER A 611 39.17 -0.29 -33.33
CA SER A 611 39.20 0.55 -34.52
C SER A 611 37.86 1.24 -34.73
N GLY A 612 36.76 0.53 -34.46
CA GLY A 612 35.44 1.12 -34.52
C GLY A 612 34.86 1.28 -35.91
N VAL A 613 35.50 0.72 -36.94
CA VAL A 613 35.00 0.87 -38.30
C VAL A 613 33.87 -0.12 -38.56
N LYS A 614 33.12 0.13 -39.62
CA LYS A 614 31.98 -0.68 -40.00
C LYS A 614 32.27 -1.47 -41.27
N PHE A 615 31.51 -2.54 -41.47
CA PHE A 615 31.55 -3.30 -42.70
C PHE A 615 30.64 -2.65 -43.73
N THR A 616 30.43 -3.33 -44.85
CA THR A 616 29.55 -2.79 -45.89
C THR A 616 28.10 -2.81 -45.42
N SER A 617 27.38 -1.75 -45.75
CA SER A 617 25.97 -1.65 -45.37
C SER A 617 25.12 -2.62 -46.16
N LEU A 618 24.13 -3.21 -45.50
CA LEU A 618 23.19 -4.12 -46.14
C LEU A 618 21.90 -3.39 -46.45
N TYR A 619 21.44 -3.51 -47.69
CA TYR A 619 20.22 -2.86 -48.16
C TYR A 619 19.16 -3.93 -48.41
N PHE A 620 18.00 -3.76 -47.78
CA PHE A 620 16.90 -4.71 -47.88
C PHE A 620 15.70 -4.04 -48.53
N GLN A 621 15.44 -4.36 -49.79
CA GLN A 621 14.28 -3.89 -50.51
C GLN A 621 13.19 -4.96 -50.43
N PHE A 622 12.05 -4.60 -49.84
CA PHE A 622 11.01 -5.58 -49.58
C PHE A 622 9.66 -4.90 -49.60
N THR A 623 8.62 -5.71 -49.82
CA THR A 623 7.24 -5.25 -49.75
C THR A 623 6.43 -6.31 -49.01
N LYS A 624 5.38 -5.85 -48.32
CA LYS A 624 4.55 -6.77 -47.56
C LYS A 624 3.79 -7.71 -48.48
N GLY A 625 3.76 -8.98 -48.11
CA GLY A 625 3.07 -9.98 -48.91
C GLY A 625 3.29 -11.36 -48.32
N GLU A 626 2.67 -12.35 -48.96
CA GLU A 626 2.77 -13.74 -48.54
C GLU A 626 3.46 -14.62 -49.57
N LEU A 627 4.10 -14.02 -50.59
CA LEU A 627 4.76 -14.80 -51.61
C LEU A 627 5.93 -15.59 -51.03
N ILE A 628 6.73 -14.95 -50.19
CA ILE A 628 7.89 -15.59 -49.58
C ILE A 628 7.87 -15.31 -48.08
N THR A 629 8.48 -16.22 -47.31
CA THR A 629 8.46 -16.13 -45.86
C THR A 629 9.80 -16.59 -45.30
N GLY A 630 10.35 -15.82 -44.38
CA GLY A 630 11.57 -16.24 -43.70
C GLY A 630 11.29 -17.41 -42.77
N THR A 631 12.27 -18.29 -42.65
CA THR A 631 12.13 -19.48 -41.83
C THR A 631 13.38 -19.68 -40.98
N PRO A 632 13.25 -20.32 -39.82
CA PRO A 632 14.45 -20.68 -39.05
C PRO A 632 15.06 -21.99 -39.50
N LYS A 633 14.33 -22.77 -40.31
CA LYS A 633 14.72 -24.09 -40.78
C LYS A 633 13.75 -24.48 -41.88
N PRO A 634 14.22 -25.13 -42.96
CA PRO A 634 13.31 -25.52 -44.05
C PRO A 634 12.13 -26.34 -43.55
N LEU A 635 10.92 -25.77 -43.67
CA LEU A 635 9.72 -26.43 -43.18
C LEU A 635 9.40 -27.68 -44.00
N GLU A 636 8.74 -28.62 -43.36
CA GLU A 636 8.34 -29.86 -44.02
C GLU A 636 7.02 -29.64 -44.77
N GLY A 637 6.44 -30.72 -45.26
CA GLY A 637 5.18 -30.62 -45.97
C GLY A 637 5.37 -30.39 -47.46
N VAL A 638 4.40 -30.84 -48.23
CA VAL A 638 4.41 -30.70 -49.68
C VAL A 638 3.23 -29.82 -50.09
N THR A 639 3.53 -28.74 -50.81
CA THR A 639 2.58 -27.76 -51.34
C THR A 639 1.93 -26.93 -50.22
N ASP A 640 2.21 -27.25 -48.95
CA ASP A 640 1.66 -26.50 -47.83
C ASP A 640 2.57 -26.68 -46.64
N VAL A 641 2.99 -25.57 -46.03
CA VAL A 641 3.87 -25.61 -44.87
C VAL A 641 3.19 -25.16 -43.59
N SER A 642 1.91 -24.83 -43.64
CA SER A 642 1.20 -24.34 -42.47
C SER A 642 1.03 -25.45 -41.43
N PHE A 643 1.13 -25.07 -40.17
CA PHE A 643 0.93 -25.99 -39.06
C PHE A 643 0.37 -25.20 -37.87
N MET A 644 -0.61 -25.78 -37.19
CA MET A 644 -1.31 -25.06 -36.13
C MET A 644 -1.98 -26.05 -35.20
N THR A 645 -2.20 -25.61 -33.96
CA THR A 645 -2.81 -26.42 -32.91
C THR A 645 -4.16 -25.82 -32.54
N LEU A 646 -5.18 -26.66 -32.47
CA LEU A 646 -6.55 -26.21 -32.26
C LEU A 646 -6.91 -26.21 -30.78
N ASP A 647 -7.71 -25.21 -30.39
CA ASP A 647 -8.31 -25.13 -29.06
C ASP A 647 -7.27 -25.13 -27.94
N VAL A 648 -6.10 -24.58 -28.21
CA VAL A 648 -5.04 -24.47 -27.21
C VAL A 648 -4.43 -23.07 -27.31
N CYS A 649 -4.21 -22.45 -26.15
CA CYS A 649 -3.56 -21.15 -26.10
C CYS A 649 -2.18 -21.24 -26.74
N THR A 650 -2.00 -20.60 -27.90
CA THR A 650 -0.80 -20.77 -28.70
C THR A 650 -0.31 -19.42 -29.19
N LYS A 651 1.00 -19.35 -29.46
CA LYS A 651 1.60 -18.20 -30.12
C LYS A 651 1.59 -18.46 -31.63
N TYR A 652 0.95 -17.56 -32.38
CA TYR A 652 0.68 -17.80 -33.78
C TYR A 652 1.25 -16.68 -34.64
N THR A 653 1.40 -16.99 -35.93
CA THR A 653 1.74 -16.01 -36.96
C THR A 653 0.85 -16.34 -38.15
N ILE A 654 -0.29 -15.66 -38.23
CA ILE A 654 -1.31 -15.97 -39.22
C ILE A 654 -1.27 -14.88 -40.28
N TYR A 655 -0.75 -15.22 -41.46
CA TYR A 655 -0.70 -14.30 -42.59
C TYR A 655 -0.03 -12.98 -42.22
N GLY A 656 1.04 -13.07 -41.43
CA GLY A 656 1.76 -11.90 -40.98
C GLY A 656 1.23 -11.29 -39.70
N PHE A 657 0.12 -11.79 -39.16
CA PHE A 657 -0.45 -11.27 -37.92
C PHE A 657 0.14 -12.04 -36.75
N LYS A 658 1.20 -11.51 -36.16
CA LYS A 658 1.78 -12.13 -34.97
C LYS A 658 0.89 -11.85 -33.77
N GLY A 659 0.72 -12.86 -32.93
CA GLY A 659 -0.14 -12.73 -31.77
C GLY A 659 -0.22 -14.02 -31.00
N GLU A 660 -0.92 -13.95 -29.87
CA GLU A 660 -1.09 -15.08 -28.98
C GLU A 660 -2.57 -15.23 -28.66
N GLY A 661 -3.10 -16.44 -28.86
CA GLY A 661 -4.52 -16.65 -28.64
C GLY A 661 -4.89 -18.10 -28.85
N ILE A 662 -6.19 -18.33 -28.94
CA ILE A 662 -6.76 -19.67 -29.10
C ILE A 662 -7.44 -19.75 -30.46
N ILE A 663 -7.10 -20.77 -31.23
CA ILE A 663 -7.66 -20.99 -32.55
C ILE A 663 -8.66 -22.13 -32.47
N THR A 664 -9.90 -21.86 -32.87
CA THR A 664 -10.97 -22.84 -32.81
C THR A 664 -11.73 -22.87 -34.13
N LEU A 665 -12.01 -24.08 -34.61
CA LEU A 665 -12.81 -24.23 -35.81
C LEU A 665 -14.24 -23.78 -35.56
N THR A 666 -14.82 -23.08 -36.53
CA THR A 666 -16.17 -22.55 -36.41
C THR A 666 -16.97 -22.91 -37.65
N ASN A 667 -18.29 -22.75 -37.54
CA ASN A 667 -19.22 -23.15 -38.60
C ASN A 667 -19.39 -22.09 -39.67
N SER A 668 -18.70 -20.96 -39.57
CA SER A 668 -18.85 -19.91 -40.57
C SER A 668 -18.38 -20.40 -41.93
N SER A 669 -18.98 -19.85 -42.99
CA SER A 669 -18.71 -20.27 -44.36
C SER A 669 -18.51 -19.06 -45.26
N PHE A 670 -17.67 -18.12 -44.82
CA PHE A 670 -17.34 -16.95 -45.62
C PHE A 670 -16.72 -17.38 -46.94
N LEU A 671 -17.43 -17.15 -48.04
CA LEU A 671 -16.95 -17.65 -49.34
C LEU A 671 -15.76 -16.83 -49.83
N ALA A 672 -15.82 -15.51 -49.72
CA ALA A 672 -14.76 -14.66 -50.23
C ALA A 672 -13.63 -14.56 -49.22
N GLY A 673 -12.56 -13.88 -49.61
CA GLY A 673 -11.44 -13.60 -48.73
C GLY A 673 -10.64 -14.81 -48.32
N VAL A 674 -9.52 -14.58 -47.63
CA VAL A 674 -8.67 -15.64 -47.09
C VAL A 674 -8.51 -15.50 -45.57
N TYR A 675 -8.15 -14.30 -45.11
CA TYR A 675 -8.12 -13.99 -43.69
C TYR A 675 -9.02 -12.79 -43.45
N TYR A 676 -9.79 -12.85 -42.36
CA TYR A 676 -10.84 -11.88 -42.10
C TYR A 676 -10.52 -11.07 -40.86
N THR A 677 -10.74 -9.77 -40.94
CA THR A 677 -10.41 -8.83 -39.87
C THR A 677 -11.60 -7.90 -39.62
N SER A 678 -11.67 -7.38 -38.41
CA SER A 678 -12.71 -6.43 -38.07
C SER A 678 -12.41 -5.07 -38.71
N ASP A 679 -13.37 -4.14 -38.54
CA ASP A 679 -13.18 -2.80 -39.07
C ASP A 679 -12.02 -2.07 -38.41
N SER A 680 -11.63 -2.46 -37.20
CA SER A 680 -10.52 -1.84 -36.50
C SER A 680 -9.17 -2.43 -36.89
N GLY A 681 -9.14 -3.41 -37.77
CA GLY A 681 -7.88 -4.01 -38.19
C GLY A 681 -7.37 -5.12 -37.30
N GLN A 682 -8.23 -5.75 -36.51
CA GLN A 682 -7.85 -6.85 -35.64
C GLN A 682 -8.29 -8.16 -36.27
N LEU A 683 -7.39 -9.14 -36.30
CA LEU A 683 -7.68 -10.41 -36.93
C LEU A 683 -8.78 -11.14 -36.17
N LEU A 684 -9.82 -11.55 -36.88
CA LEU A 684 -10.95 -12.27 -36.30
C LEU A 684 -10.93 -13.75 -36.67
N ALA A 685 -10.86 -14.06 -37.95
CA ALA A 685 -10.83 -15.45 -38.41
C ALA A 685 -10.08 -15.53 -39.72
N PHE A 686 -9.59 -16.73 -40.02
CA PHE A 686 -8.87 -16.98 -41.26
C PHE A 686 -9.36 -18.29 -41.86
N LYS A 687 -9.29 -18.37 -43.18
CA LYS A 687 -9.77 -19.55 -43.90
C LYS A 687 -8.62 -20.50 -44.17
N ASN A 688 -8.91 -21.80 -44.03
CA ASN A 688 -7.94 -22.83 -44.38
C ASN A 688 -7.64 -22.86 -45.88
N VAL A 689 -8.53 -22.28 -46.69
CA VAL A 689 -8.44 -22.12 -48.15
C VAL A 689 -8.25 -23.47 -48.85
N THR A 690 -7.37 -24.32 -48.33
CA THR A 690 -7.19 -25.65 -48.93
C THR A 690 -8.48 -26.47 -48.80
N SER A 691 -9.12 -26.42 -47.64
CA SER A 691 -10.38 -27.12 -47.42
C SER A 691 -11.57 -26.18 -47.26
N GLY A 692 -11.34 -24.87 -47.16
CA GLY A 692 -12.41 -23.91 -47.05
C GLY A 692 -12.89 -23.63 -45.63
N ALA A 693 -12.40 -24.38 -44.64
CA ALA A 693 -12.82 -24.14 -43.27
C ALA A 693 -12.19 -22.87 -42.72
N VAL A 694 -12.96 -22.15 -41.91
CA VAL A 694 -12.47 -20.94 -41.25
C VAL A 694 -12.30 -21.23 -39.76
N TYR A 695 -11.30 -20.58 -39.16
CA TYR A 695 -10.98 -20.77 -37.76
C TYR A 695 -10.98 -19.43 -37.05
N SER A 696 -11.74 -19.33 -35.96
CA SER A 696 -11.81 -18.10 -35.19
C SER A 696 -10.61 -17.99 -34.26
N VAL A 697 -10.13 -16.76 -34.07
CA VAL A 697 -8.99 -16.47 -33.21
C VAL A 697 -9.49 -15.63 -32.04
N THR A 698 -9.29 -16.14 -30.82
CA THR A 698 -9.71 -15.44 -29.61
C THR A 698 -8.55 -15.36 -28.63
N PRO A 699 -8.51 -14.33 -27.78
CA PRO A 699 -7.43 -14.23 -26.80
C PRO A 699 -7.49 -15.35 -25.78
N CYS A 700 -6.32 -15.68 -25.24
CA CYS A 700 -6.24 -16.77 -24.26
C CYS A 700 -7.01 -16.45 -22.98
N SER A 701 -6.90 -15.21 -22.50
CA SER A 701 -7.54 -14.80 -21.27
C SER A 701 -8.53 -13.69 -21.54
N PHE A 702 -9.50 -13.54 -20.64
CA PHE A 702 -10.55 -12.54 -20.78
C PHE A 702 -10.65 -11.70 -19.52
N SER A 703 -11.05 -10.45 -19.69
CA SER A 703 -11.14 -9.52 -18.57
C SER A 703 -12.25 -9.93 -17.61
N GLU A 704 -12.00 -9.74 -16.32
CA GLU A 704 -12.95 -10.08 -15.28
C GLU A 704 -13.05 -8.93 -14.29
N GLN A 705 -14.23 -8.75 -13.71
CA GLN A 705 -14.46 -7.74 -12.68
C GLN A 705 -14.56 -8.44 -11.33
N ALA A 706 -13.75 -8.02 -10.38
CA ALA A 706 -13.72 -8.61 -9.05
C ALA A 706 -14.46 -7.71 -8.06
N ALA A 707 -15.43 -8.29 -7.37
CA ALA A 707 -16.19 -7.56 -6.35
C ALA A 707 -15.39 -7.58 -5.05
N TYR A 708 -14.78 -6.46 -4.72
CA TYR A 708 -13.93 -6.34 -3.53
C TYR A 708 -14.68 -5.50 -2.51
N VAL A 709 -15.31 -6.17 -1.54
CA VAL A 709 -15.98 -5.50 -0.44
C VAL A 709 -15.50 -6.13 0.87
N ASP A 710 -15.57 -5.34 1.94
CA ASP A 710 -15.18 -5.78 3.28
C ASP A 710 -13.75 -6.31 3.29
N ASP A 711 -12.88 -5.66 2.51
CA ASP A 711 -11.46 -6.01 2.43
C ASP A 711 -11.25 -7.46 2.02
N ASP A 712 -12.05 -7.93 1.07
CA ASP A 712 -11.94 -9.30 0.59
C ASP A 712 -12.60 -9.40 -0.78
N ILE A 713 -12.18 -10.41 -1.53
CA ILE A 713 -12.78 -10.72 -2.83
C ILE A 713 -13.94 -11.67 -2.57
N VAL A 714 -15.17 -11.16 -2.71
CA VAL A 714 -16.35 -11.96 -2.44
C VAL A 714 -17.01 -12.50 -3.70
N GLY A 715 -16.76 -11.90 -4.86
CA GLY A 715 -17.37 -12.35 -6.08
C GLY A 715 -16.61 -11.84 -7.29
N VAL A 716 -16.74 -12.58 -8.38
CA VAL A 716 -16.05 -12.27 -9.64
C VAL A 716 -17.07 -12.27 -10.75
N ILE A 717 -17.11 -11.19 -11.53
CA ILE A 717 -17.93 -11.11 -12.73
C ILE A 717 -17.04 -11.51 -13.91
N SER A 718 -17.44 -12.55 -14.63
CA SER A 718 -16.60 -13.09 -15.69
C SER A 718 -17.48 -13.64 -16.80
N SER A 719 -16.89 -13.74 -17.99
CA SER A 719 -17.54 -14.38 -19.12
C SER A 719 -17.36 -15.90 -19.10
N LEU A 720 -16.46 -16.41 -18.26
CA LEU A 720 -16.25 -17.86 -18.19
C LEU A 720 -17.39 -18.53 -17.45
N SER A 721 -17.61 -19.80 -17.77
CA SER A 721 -18.71 -20.56 -17.19
C SER A 721 -18.38 -21.11 -15.80
N SER A 722 -17.10 -21.13 -15.42
CA SER A 722 -16.71 -21.68 -14.13
C SER A 722 -15.43 -21.03 -13.66
N SER A 723 -15.18 -21.14 -12.35
CA SER A 723 -13.98 -20.60 -11.73
C SER A 723 -13.79 -21.30 -10.39
N THR A 724 -12.89 -20.76 -9.57
CA THR A 724 -12.56 -21.36 -8.27
C THR A 724 -13.51 -20.85 -7.18
N PHE A 725 -14.80 -21.07 -7.41
CA PHE A 725 -15.84 -20.74 -6.44
C PHE A 725 -16.87 -21.86 -6.41
N ASN A 726 -17.38 -22.15 -5.21
CA ASN A 726 -18.33 -23.23 -5.05
C ASN A 726 -19.72 -22.90 -5.58
N SER A 727 -19.97 -21.63 -5.91
CA SER A 727 -21.27 -21.21 -6.41
C SER A 727 -21.10 -20.34 -7.66
N THR A 728 -22.05 -20.45 -8.58
CA THR A 728 -22.02 -19.69 -9.81
C THR A 728 -23.45 -19.42 -10.27
N ARG A 729 -23.78 -18.14 -10.43
CA ARG A 729 -25.07 -17.71 -10.93
C ARG A 729 -24.90 -17.03 -12.28
N GLU A 730 -25.75 -17.39 -13.24
CA GLU A 730 -25.67 -16.87 -14.59
C GLU A 730 -26.61 -15.67 -14.71
N LEU A 731 -26.04 -14.47 -14.73
CA LEU A 731 -26.80 -13.27 -15.02
C LEU A 731 -27.07 -13.19 -16.52
N PRO A 732 -28.09 -12.42 -16.93
CA PRO A 732 -28.39 -12.33 -18.37
C PRO A 732 -27.23 -11.85 -19.21
N GLY A 733 -26.39 -10.94 -18.69
CA GLY A 733 -25.32 -10.38 -19.48
C GLY A 733 -23.95 -11.01 -19.25
N PHE A 734 -23.81 -11.76 -18.17
CA PHE A 734 -22.50 -12.31 -17.80
C PHE A 734 -22.71 -13.39 -16.74
N PHE A 735 -21.62 -14.09 -16.43
CA PHE A 735 -21.61 -15.03 -15.32
C PHE A 735 -21.15 -14.32 -14.06
N TYR A 736 -21.54 -14.90 -12.92
CA TYR A 736 -21.13 -14.39 -11.60
C TYR A 736 -20.73 -15.56 -10.73
N HIS A 737 -19.51 -15.54 -10.24
CA HIS A 737 -18.99 -16.59 -9.36
C HIS A 737 -18.75 -16.01 -7.98
N SER A 738 -19.19 -16.74 -6.95
CA SER A 738 -19.02 -16.30 -5.58
C SER A 738 -19.11 -17.52 -4.67
N ASN A 739 -18.96 -17.29 -3.37
CA ASN A 739 -19.05 -18.34 -2.37
C ASN A 739 -20.41 -18.36 -1.68
N ASP A 740 -21.38 -17.59 -2.16
CA ASP A 740 -22.70 -17.54 -1.56
C ASP A 740 -23.73 -17.50 -2.69
N GLY A 741 -24.45 -18.60 -2.88
CA GLY A 741 -25.45 -18.68 -3.93
C GLY A 741 -26.80 -18.08 -3.59
N SER A 742 -27.01 -17.67 -2.35
CA SER A 742 -28.29 -17.08 -1.97
C SER A 742 -28.45 -15.69 -2.57
N ASN A 743 -29.70 -15.26 -2.67
CA ASN A 743 -30.00 -13.93 -3.18
C ASN A 743 -29.50 -12.86 -2.21
N CYS A 744 -29.11 -11.72 -2.77
CA CYS A 744 -28.66 -10.58 -1.98
C CYS A 744 -29.80 -9.57 -1.89
N THR A 745 -30.26 -9.30 -0.67
CA THR A 745 -31.34 -8.36 -0.45
C THR A 745 -30.88 -7.05 0.18
N GLU A 746 -29.65 -7.00 0.70
CA GLU A 746 -29.10 -5.80 1.33
C GLU A 746 -27.77 -5.49 0.66
N PRO A 747 -27.79 -4.91 -0.54
CA PRO A 747 -26.55 -4.70 -1.28
C PRO A 747 -25.64 -3.67 -0.64
N VAL A 748 -24.51 -4.11 -0.13
CA VAL A 748 -23.50 -3.18 0.39
C VAL A 748 -22.94 -2.32 -0.73
N LEU A 749 -22.64 -2.94 -1.87
CA LEU A 749 -22.10 -2.25 -3.03
C LEU A 749 -23.02 -2.46 -4.22
N VAL A 750 -23.35 -1.38 -4.92
CA VAL A 750 -24.23 -1.43 -6.08
C VAL A 750 -23.43 -1.02 -7.31
N TYR A 751 -23.81 -1.60 -8.45
CA TYR A 751 -23.13 -1.30 -9.71
C TYR A 751 -24.05 -1.70 -10.85
N SER A 752 -24.38 -0.74 -11.71
CA SER A 752 -25.23 -0.97 -12.89
C SER A 752 -26.56 -1.54 -12.41
N ASN A 753 -27.00 -2.69 -12.90
CA ASN A 753 -28.30 -3.25 -12.57
C ASN A 753 -28.26 -4.24 -11.41
N ILE A 754 -27.09 -4.46 -10.80
CA ILE A 754 -26.93 -5.48 -9.78
C ILE A 754 -26.36 -4.87 -8.52
N GLY A 755 -26.59 -5.56 -7.41
CA GLY A 755 -25.99 -5.19 -6.14
C GLY A 755 -25.46 -6.42 -5.45
N VAL A 756 -24.36 -6.25 -4.73
CA VAL A 756 -23.66 -7.36 -4.08
C VAL A 756 -23.65 -7.12 -2.57
N CYS A 757 -24.02 -8.16 -1.82
CA CYS A 757 -23.98 -8.12 -0.37
C CYS A 757 -22.56 -8.33 0.13
N LYS A 758 -22.37 -8.10 1.43
CA LYS A 758 -21.06 -8.28 2.03
C LYS A 758 -20.61 -9.74 2.04
N SER A 759 -21.54 -10.68 1.94
CA SER A 759 -21.23 -12.10 1.97
C SER A 759 -20.96 -12.69 0.60
N GLY A 760 -20.94 -11.86 -0.44
CA GLY A 760 -20.74 -12.34 -1.80
C GLY A 760 -22.01 -12.63 -2.56
N SER A 761 -23.16 -12.57 -1.90
CA SER A 761 -24.43 -12.80 -2.58
C SER A 761 -24.70 -11.69 -3.60
N ILE A 762 -25.42 -12.03 -4.65
CA ILE A 762 -25.77 -11.10 -5.71
C ILE A 762 -27.29 -11.10 -5.87
N GLY A 763 -27.85 -9.92 -6.13
CA GLY A 763 -29.26 -9.80 -6.38
C GLY A 763 -29.64 -8.44 -6.94
N TYR A 764 -30.74 -8.38 -7.68
CA TYR A 764 -31.22 -7.11 -8.21
C TYR A 764 -31.67 -6.20 -7.07
N VAL A 765 -31.38 -4.92 -7.20
CA VAL A 765 -31.75 -3.95 -6.18
C VAL A 765 -33.27 -3.78 -6.21
N PRO A 766 -33.96 -4.05 -5.10
CA PRO A 766 -35.42 -3.89 -5.09
C PRO A 766 -35.83 -2.43 -5.23
N SER A 767 -36.98 -2.23 -5.86
CA SER A 767 -37.52 -0.89 -6.03
C SER A 767 -38.13 -0.43 -4.72
N GLN A 768 -37.46 0.49 -4.04
CA GLN A 768 -37.94 0.97 -2.75
C GLN A 768 -39.21 1.81 -2.94
N SER A 769 -40.23 1.48 -2.16
CA SER A 769 -41.49 2.22 -2.22
C SER A 769 -41.36 3.50 -1.40
N GLY A 770 -41.59 4.64 -2.03
CA GLY A 770 -41.46 5.92 -1.36
C GLY A 770 -42.66 6.25 -0.49
N GLN A 771 -42.56 7.39 0.17
CA GLN A 771 -43.65 7.85 1.04
C GLN A 771 -44.86 8.23 0.19
N VAL A 772 -46.04 7.80 0.63
CA VAL A 772 -47.26 8.08 -0.11
C VAL A 772 -47.68 9.52 0.10
N LYS A 773 -48.07 10.18 -0.98
CA LYS A 773 -48.58 11.55 -0.94
C LYS A 773 -50.03 11.54 -1.42
N ILE A 774 -50.91 12.16 -0.65
CA ILE A 774 -52.33 12.15 -0.96
C ILE A 774 -52.63 13.30 -1.92
N ALA A 775 -53.19 12.97 -3.07
CA ALA A 775 -53.58 14.00 -4.04
C ALA A 775 -54.83 14.71 -3.56
N PRO A 776 -54.87 16.04 -3.62
CA PRO A 776 -56.07 16.76 -3.18
C PRO A 776 -57.26 16.47 -4.08
N THR A 777 -58.45 16.48 -3.47
CA THR A 777 -59.68 16.27 -4.21
C THR A 777 -60.81 17.01 -3.49
N VAL A 778 -61.89 17.26 -4.23
CA VAL A 778 -62.97 18.09 -3.70
C VAL A 778 -64.02 17.30 -2.94
N THR A 779 -64.13 16.00 -3.17
CA THR A 779 -65.16 15.20 -2.51
C THR A 779 -64.75 13.74 -2.51
N GLY A 780 -65.58 12.90 -1.90
CA GLY A 780 -65.31 11.49 -1.84
C GLY A 780 -64.36 11.12 -0.72
N ASN A 781 -64.00 9.85 -0.68
CA ASN A 781 -63.08 9.35 0.33
C ASN A 781 -61.71 10.00 0.19
N ILE A 782 -61.17 10.46 1.32
CA ILE A 782 -59.83 11.03 1.39
C ILE A 782 -59.14 10.47 2.61
N SER A 783 -57.85 10.77 2.72
CA SER A 783 -57.04 10.36 3.86
C SER A 783 -56.18 11.52 4.32
N ILE A 784 -56.27 11.86 5.59
CA ILE A 784 -55.50 12.93 6.20
C ILE A 784 -54.38 12.30 7.02
N PRO A 785 -53.11 12.56 6.69
CA PRO A 785 -52.02 11.96 7.47
C PRO A 785 -52.01 12.49 8.90
N THR A 786 -51.54 11.64 9.81
CA THR A 786 -51.52 11.97 11.24
C THR A 786 -50.41 11.16 11.89
N ASN A 787 -50.28 11.33 13.21
CA ASN A 787 -49.25 10.67 14.01
C ASN A 787 -47.87 10.92 13.44
N PHE A 788 -47.61 12.19 13.09
CA PHE A 788 -46.36 12.54 12.44
C PHE A 788 -45.18 12.37 13.38
N SER A 789 -44.09 11.83 12.84
CA SER A 789 -42.82 11.74 13.54
C SER A 789 -41.71 12.17 12.60
N MET A 790 -40.79 12.98 13.10
CA MET A 790 -39.78 13.58 12.26
C MET A 790 -38.57 12.67 12.12
N SER A 791 -37.96 12.70 10.94
CA SER A 791 -36.75 11.95 10.64
C SER A 791 -35.74 12.87 9.95
N ILE A 792 -34.48 12.71 10.32
CA ILE A 792 -33.40 13.52 9.76
C ILE A 792 -32.75 12.77 8.60
N ARG A 793 -32.69 13.40 7.44
CA ARG A 793 -32.05 12.86 6.26
C ARG A 793 -30.85 13.73 5.91
N THR A 794 -29.68 13.09 5.79
CA THR A 794 -28.41 13.80 5.67
C THR A 794 -28.05 14.01 4.21
N GLU A 795 -27.55 15.20 3.91
CA GLU A 795 -27.08 15.54 2.57
C GLU A 795 -25.82 16.38 2.68
N TYR A 796 -24.83 16.05 1.87
CA TYR A 796 -23.55 16.75 1.85
C TYR A 796 -23.37 17.45 0.51
N LEU A 797 -22.92 18.70 0.55
CA LEU A 797 -22.67 19.48 -0.65
C LEU A 797 -21.30 20.13 -0.54
N GLN A 798 -20.42 19.81 -1.49
CA GLN A 798 -19.09 20.41 -1.49
C GLN A 798 -19.17 21.89 -1.81
N LEU A 799 -18.30 22.68 -1.18
CA LEU A 799 -18.31 24.13 -1.30
C LEU A 799 -17.14 24.68 -2.07
N TYR A 800 -15.93 24.19 -1.83
CA TYR A 800 -14.74 24.77 -2.42
C TYR A 800 -13.71 23.67 -2.65
N ASN A 801 -12.73 23.99 -3.49
CA ASN A 801 -11.59 23.13 -3.74
C ASN A 801 -10.31 23.85 -3.34
N THR A 802 -9.28 23.07 -3.05
CA THR A 802 -7.99 23.65 -2.67
C THR A 802 -7.38 24.35 -3.87
N PRO A 803 -7.10 25.65 -3.78
CA PRO A 803 -6.52 26.35 -4.93
C PRO A 803 -5.11 25.86 -5.20
N VAL A 804 -4.88 25.40 -6.43
CA VAL A 804 -3.59 24.88 -6.86
C VAL A 804 -3.05 25.80 -7.95
N SER A 805 -1.88 26.37 -7.71
CA SER A 805 -1.19 27.21 -8.68
C SER A 805 0.11 26.54 -9.06
N VAL A 806 0.25 26.19 -10.34
CA VAL A 806 1.42 25.50 -10.85
C VAL A 806 2.21 26.47 -11.70
N ASP A 807 3.53 26.50 -11.51
CA ASP A 807 4.41 27.33 -12.31
C ASP A 807 4.75 26.56 -13.58
N CYS A 808 4.11 26.95 -14.69
CA CYS A 808 4.25 26.23 -15.95
C CYS A 808 5.70 26.20 -16.42
N ALA A 809 6.39 27.34 -16.35
CA ALA A 809 7.75 27.44 -16.89
C ALA A 809 8.69 26.50 -16.15
N THR A 810 8.66 26.52 -14.81
CA THR A 810 9.56 25.67 -14.06
C THR A 810 9.12 24.21 -14.07
N TYR A 811 7.84 23.94 -14.22
CA TYR A 811 7.39 22.56 -14.34
C TYR A 811 7.87 21.94 -15.64
N VAL A 812 7.82 22.69 -16.74
CA VAL A 812 8.22 22.14 -18.03
C VAL A 812 9.73 22.12 -18.16
N CYS A 813 10.37 23.28 -17.98
CA CYS A 813 11.81 23.41 -18.21
C CYS A 813 12.66 22.91 -17.07
N ASN A 814 12.07 22.67 -15.89
CA ASN A 814 12.82 22.22 -14.71
C ASN A 814 13.94 23.20 -14.37
N GLY A 815 13.66 24.49 -14.57
CA GLY A 815 14.63 25.51 -14.25
C GLY A 815 15.78 25.66 -15.22
N ASN A 816 15.71 24.98 -16.37
CA ASN A 816 16.78 25.07 -17.35
C ASN A 816 16.58 26.31 -18.21
N SER A 817 17.56 27.22 -18.18
CA SER A 817 17.43 28.49 -18.89
C SER A 817 17.36 28.28 -20.40
N ARG A 818 18.17 27.36 -20.93
CA ARG A 818 18.23 27.18 -22.37
C ARG A 818 16.96 26.53 -22.90
N CYS A 819 16.26 25.77 -22.06
CA CYS A 819 15.00 25.17 -22.48
C CYS A 819 13.88 26.20 -22.54
N LYS A 820 13.96 27.25 -21.73
CA LYS A 820 12.92 28.27 -21.73
C LYS A 820 12.85 28.99 -23.07
N GLN A 821 13.98 29.15 -23.75
CA GLN A 821 13.97 29.76 -25.07
C GLN A 821 13.14 28.94 -26.05
N LEU A 822 13.28 27.62 -26.01
CA LEU A 822 12.45 26.76 -26.86
C LEU A 822 11.00 26.78 -26.40
N LEU A 823 10.76 26.86 -25.10
CA LEU A 823 9.39 26.90 -24.59
C LEU A 823 8.66 28.15 -25.07
N THR A 824 9.37 29.28 -25.13
CA THR A 824 8.75 30.53 -25.57
C THR A 824 8.17 30.44 -26.97
N GLN A 825 8.63 29.50 -27.79
CA GLN A 825 8.09 29.34 -29.13
C GLN A 825 6.66 28.78 -29.12
N TYR A 826 6.20 28.26 -27.99
CA TYR A 826 4.86 27.71 -27.88
C TYR A 826 3.80 28.75 -27.54
N THR A 827 4.21 30.01 -27.37
CA THR A 827 3.30 31.16 -27.21
C THR A 827 2.39 30.92 -26.01
N ALA A 828 1.07 30.95 -26.16
CA ALA A 828 0.15 31.04 -25.03
C ALA A 828 -0.20 29.68 -24.42
N ALA A 829 0.37 28.58 -24.93
CA ALA A 829 0.08 27.28 -24.36
C ALA A 829 0.48 27.22 -22.89
N CYS A 830 1.61 27.85 -22.54
CA CYS A 830 2.06 27.90 -21.16
C CYS A 830 1.27 28.94 -20.36
N LYS A 831 0.84 30.03 -20.98
CA LYS A 831 0.18 31.11 -20.25
C LYS A 831 -1.25 30.75 -19.88
N THR A 832 -1.99 30.13 -20.81
CA THR A 832 -3.40 29.86 -20.59
C THR A 832 -3.64 28.93 -19.42
N ILE A 833 -2.71 28.00 -19.17
CA ILE A 833 -2.86 27.07 -18.05
C ILE A 833 -2.98 27.84 -16.74
N GLU A 834 -1.97 28.65 -16.43
CA GLU A 834 -1.99 29.40 -15.18
C GLU A 834 -3.09 30.45 -15.18
N SER A 835 -3.40 31.04 -16.34
CA SER A 835 -4.48 32.02 -16.38
C SER A 835 -5.81 31.39 -15.97
N ALA A 836 -6.14 30.24 -16.57
CA ALA A 836 -7.39 29.56 -16.21
C ALA A 836 -7.38 29.11 -14.77
N LEU A 837 -6.25 28.58 -14.29
CA LEU A 837 -6.19 28.12 -12.91
C LEU A 837 -6.45 29.26 -11.94
N GLN A 838 -5.78 30.39 -12.14
CA GLN A 838 -5.96 31.51 -11.21
C GLN A 838 -7.34 32.13 -11.35
N LEU A 839 -7.91 32.15 -12.56
CA LEU A 839 -9.26 32.66 -12.72
C LEU A 839 -10.26 31.80 -11.95
N SER A 840 -10.17 30.47 -12.08
CA SER A 840 -11.07 29.60 -11.37
C SER A 840 -10.89 29.73 -9.86
N ALA A 841 -9.63 29.79 -9.40
CA ALA A 841 -9.38 29.91 -7.97
C ALA A 841 -9.95 31.21 -7.42
N ARG A 842 -9.74 32.32 -8.12
CA ARG A 842 -10.25 33.60 -7.64
C ARG A 842 -11.78 33.63 -7.65
N LEU A 843 -12.40 33.09 -8.70
CA LEU A 843 -13.86 33.06 -8.75
C LEU A 843 -14.43 32.25 -7.61
N GLU A 844 -13.87 31.06 -7.36
CA GLU A 844 -14.35 30.23 -6.26
C GLU A 844 -14.14 30.92 -4.92
N SER A 845 -12.98 31.57 -4.74
CA SER A 845 -12.68 32.24 -3.49
C SER A 845 -13.66 33.37 -3.22
N VAL A 846 -13.92 34.20 -4.23
CA VAL A 846 -14.84 35.33 -4.02
C VAL A 846 -16.26 34.83 -3.81
N GLU A 847 -16.66 33.78 -4.53
CA GLU A 847 -18.01 33.24 -4.35
C GLU A 847 -18.21 32.73 -2.93
N VAL A 848 -17.26 31.93 -2.43
CA VAL A 848 -17.44 31.39 -1.08
C VAL A 848 -17.27 32.47 -0.02
N ASN A 849 -16.45 33.49 -0.29
CA ASN A 849 -16.29 34.56 0.69
C ASN A 849 -17.55 35.41 0.80
N SER A 850 -18.17 35.75 -0.33
CA SER A 850 -19.45 36.44 -0.26
C SER A 850 -20.56 35.51 0.19
N MET A 851 -20.32 34.19 0.13
CA MET A 851 -21.32 33.21 0.51
C MET A 851 -21.49 33.10 2.02
N LEU A 852 -20.39 33.21 2.77
CA LEU A 852 -20.41 32.94 4.21
C LEU A 852 -20.69 34.23 4.97
N THR A 853 -21.95 34.40 5.39
CA THR A 853 -22.33 35.51 6.24
C THR A 853 -22.55 35.01 7.66
N ILE A 854 -21.96 35.71 8.62
CA ILE A 854 -21.96 35.29 10.02
C ILE A 854 -22.55 36.41 10.87
N SER A 855 -23.51 36.05 11.72
CA SER A 855 -24.14 36.99 12.64
C SER A 855 -23.68 36.66 14.05
N GLU A 856 -23.10 37.66 14.74
CA GLU A 856 -22.60 37.44 16.08
C GLU A 856 -23.72 37.19 17.09
N GLU A 857 -24.87 37.85 16.91
CA GLU A 857 -25.99 37.62 17.80
C GLU A 857 -26.46 36.17 17.72
N ALA A 858 -26.53 35.62 16.52
CA ALA A 858 -26.89 34.21 16.37
C ALA A 858 -25.81 33.31 16.99
N LEU A 859 -24.54 33.68 16.82
CA LEU A 859 -23.46 32.90 17.43
C LEU A 859 -23.55 32.90 18.95
N GLN A 860 -24.07 33.98 19.54
CA GLN A 860 -24.21 34.03 20.99
C GLN A 860 -25.15 32.95 21.50
N LEU A 861 -26.23 32.71 20.78
CA LEU A 861 -27.24 31.73 21.19
C LEU A 861 -26.94 30.32 20.70
N ALA A 862 -25.76 30.09 20.12
CA ALA A 862 -25.44 28.81 19.49
C ALA A 862 -24.61 27.90 20.39
N THR A 863 -24.43 28.26 21.66
CA THR A 863 -23.66 27.45 22.58
C THR A 863 -24.61 26.78 23.57
N ILE A 864 -24.10 25.72 24.21
CA ILE A 864 -24.93 24.89 25.07
C ILE A 864 -25.50 25.69 26.23
N SER A 865 -24.70 26.60 26.79
CA SER A 865 -25.16 27.39 27.92
C SER A 865 -26.33 28.28 27.53
N SER A 866 -26.26 28.89 26.34
CA SER A 866 -27.33 29.78 25.89
C SER A 866 -28.47 29.02 25.23
N PHE A 867 -28.15 28.14 24.28
CA PHE A 867 -29.18 27.36 23.60
C PHE A 867 -29.86 26.43 24.59
N ASN A 868 -31.19 26.38 24.52
CA ASN A 868 -32.00 25.57 25.43
C ASN A 868 -33.03 24.80 24.62
N GLY A 869 -32.70 23.56 24.28
CA GLY A 869 -33.65 22.71 23.58
C GLY A 869 -34.45 21.86 24.54
N ASP A 870 -35.65 22.33 24.88
CA ASP A 870 -36.54 21.61 25.79
C ASP A 870 -37.13 20.40 25.10
N GLY A 871 -36.58 19.22 25.40
CA GLY A 871 -36.99 17.98 24.78
C GLY A 871 -36.18 17.61 23.56
N TYR A 872 -35.46 18.55 22.96
CA TYR A 872 -34.63 18.31 21.80
C TYR A 872 -33.17 18.27 22.23
N ASN A 873 -32.49 17.17 21.90
CA ASN A 873 -31.12 16.96 22.33
C ASN A 873 -30.18 17.49 21.25
N PHE A 874 -29.63 18.68 21.48
CA PHE A 874 -28.70 19.31 20.53
C PHE A 874 -27.25 19.17 20.96
N THR A 875 -26.96 18.31 21.94
CA THR A 875 -25.59 18.16 22.42
C THR A 875 -24.66 17.68 21.30
N ASN A 876 -25.11 16.70 20.52
CA ASN A 876 -24.31 16.20 19.41
C ASN A 876 -24.22 17.19 18.25
N VAL A 877 -25.04 18.24 18.25
CA VAL A 877 -25.04 19.20 17.17
C VAL A 877 -24.30 20.49 17.51
N LEU A 878 -24.30 20.90 18.78
CA LEU A 878 -23.65 22.13 19.18
C LEU A 878 -22.19 21.87 19.53
N GLY A 879 -21.39 22.94 19.48
CA GLY A 879 -19.97 22.88 19.80
C GLY A 879 -19.67 23.71 21.03
N VAL A 880 -18.82 23.17 21.90
CA VAL A 880 -18.45 23.90 23.12
C VAL A 880 -17.47 25.02 22.78
N SER A 881 -17.42 26.02 23.64
CA SER A 881 -16.51 27.15 23.48
C SER A 881 -15.80 27.41 24.80
N VAL A 882 -14.47 27.50 24.75
CA VAL A 882 -13.66 27.75 25.93
C VAL A 882 -12.64 28.84 25.60
N TYR A 883 -12.19 29.54 26.63
CA TYR A 883 -11.18 30.57 26.46
C TYR A 883 -9.83 29.92 26.17
N ASP A 884 -9.36 30.05 24.94
CA ASP A 884 -8.14 29.38 24.52
C ASP A 884 -6.92 30.08 25.14
N PRO A 885 -6.07 29.37 25.86
CA PRO A 885 -4.81 29.99 26.33
C PRO A 885 -3.89 30.40 25.19
N ALA A 886 -4.11 29.88 23.98
CA ALA A 886 -3.26 30.20 22.85
C ALA A 886 -3.51 31.63 22.38
N ARG A 887 -2.67 32.56 22.85
CA ARG A 887 -2.75 33.98 22.50
C ARG A 887 -4.09 34.60 22.92
N GLY A 888 -4.72 34.02 23.94
CA GLY A 888 -5.91 34.65 24.53
C GLY A 888 -7.23 34.51 23.81
N ARG A 889 -7.23 34.60 22.48
CA ARG A 889 -8.46 34.61 21.71
C ARG A 889 -9.29 33.37 21.99
N VAL A 890 -10.59 33.58 22.26
CA VAL A 890 -11.46 32.48 22.62
C VAL A 890 -11.66 31.56 21.42
N VAL A 891 -11.74 30.25 21.69
CA VAL A 891 -11.95 29.25 20.66
C VAL A 891 -13.27 28.53 20.95
N GLN A 892 -13.99 28.22 19.89
CA GLN A 892 -15.23 27.44 19.98
C GLN A 892 -14.97 26.10 19.33
N LYS A 893 -14.81 25.05 20.16
CA LYS A 893 -14.57 23.72 19.63
C LYS A 893 -15.75 23.26 18.79
N ARG A 894 -15.46 22.56 17.71
CA ARG A 894 -16.51 22.10 16.82
C ARG A 894 -17.33 20.99 17.49
N SER A 895 -18.49 20.72 16.91
CA SER A 895 -19.44 19.79 17.49
C SER A 895 -18.91 18.36 17.44
N PHE A 896 -19.57 17.48 18.19
CA PHE A 896 -19.18 16.08 18.22
C PHE A 896 -19.34 15.43 16.85
N ILE A 897 -20.44 15.74 16.16
CA ILE A 897 -20.63 15.22 14.81
C ILE A 897 -19.55 15.74 13.88
N GLU A 898 -19.17 17.01 14.04
CA GLU A 898 -18.08 17.55 13.25
C GLU A 898 -16.76 16.84 13.55
N ASP A 899 -16.52 16.52 14.82
CA ASP A 899 -15.33 15.74 15.17
C ASP A 899 -15.35 14.39 14.47
N LEU A 900 -16.49 13.70 14.51
CA LEU A 900 -16.57 12.39 13.86
C LEU A 900 -16.35 12.51 12.36
N LEU A 901 -16.94 13.52 11.73
CA LEU A 901 -16.84 13.66 10.28
C LEU A 901 -15.43 14.06 9.86
N PHE A 902 -14.74 14.86 10.65
CA PHE A 902 -13.43 15.35 10.26
C PHE A 902 -12.32 14.34 10.59
N ASN A 903 -12.22 13.95 11.86
CA ASN A 903 -11.07 13.14 12.29
C ASN A 903 -11.03 11.79 11.60
N LYS A 904 -12.18 11.12 11.50
CA LYS A 904 -12.19 9.75 10.96
C LYS A 904 -12.01 9.70 9.45
N VAL A 905 -12.16 10.81 8.75
CA VAL A 905 -12.09 10.84 7.30
C VAL A 905 -10.80 11.48 6.80
N VAL A 906 -10.42 12.62 7.38
CA VAL A 906 -9.24 13.34 6.91
C VAL A 906 -7.99 12.48 7.13
N THR A 907 -7.24 12.24 6.06
CA THR A 907 -6.03 11.43 6.16
C THR A 907 -4.97 12.09 7.03
N ASN A 908 -4.98 13.42 7.11
CA ASN A 908 -4.04 14.16 7.93
C ASN A 908 -4.56 14.42 9.34
N GLY A 909 -5.79 14.03 9.64
CA GLY A 909 -6.37 14.27 10.95
C GLY A 909 -6.89 15.67 11.20
N LEU A 910 -6.10 16.69 10.86
CA LEU A 910 -6.48 18.08 11.05
C LEU A 910 -6.18 18.88 9.79
N GLY A 911 -6.90 19.99 9.63
CA GLY A 911 -6.67 20.85 8.47
C GLY A 911 -5.40 21.68 8.56
N THR A 912 -4.88 21.89 9.78
CA THR A 912 -3.64 22.63 9.94
C THR A 912 -2.42 21.86 9.49
N VAL A 913 -2.56 20.55 9.20
CA VAL A 913 -1.44 19.75 8.74
C VAL A 913 -0.98 20.17 7.35
N ASP A 914 -1.79 20.93 6.62
CA ASP A 914 -1.41 21.43 5.30
C ASP A 914 -0.07 22.15 5.39
N GLU A 915 0.93 21.60 4.71
CA GLU A 915 2.31 22.03 4.90
C GLU A 915 2.51 23.46 4.41
N ASP A 916 3.44 24.16 5.06
CA ASP A 916 3.81 25.52 4.69
C ASP A 916 5.10 25.50 3.90
N TYR A 917 5.21 26.42 2.94
CA TYR A 917 6.39 26.51 2.09
C TYR A 917 7.45 27.45 2.65
N LYS A 918 7.24 28.01 3.84
CA LYS A 918 8.24 28.89 4.42
C LYS A 918 9.54 28.14 4.70
N ARG A 919 9.44 26.94 5.25
CA ARG A 919 10.60 26.10 5.53
C ARG A 919 11.03 25.27 4.33
N CYS A 920 10.27 25.31 3.24
CA CYS A 920 10.54 24.41 2.12
C CYS A 920 11.78 24.82 1.34
N SER A 921 12.12 26.10 1.34
CA SER A 921 13.29 26.60 0.64
C SER A 921 14.54 26.61 1.51
N ASN A 922 14.43 26.15 2.77
CA ASN A 922 15.59 26.15 3.65
C ASN A 922 16.68 25.23 3.14
N GLY A 923 16.31 24.00 2.75
CA GLY A 923 17.24 23.09 2.13
C GLY A 923 18.22 22.40 3.06
N ARG A 924 18.05 22.53 4.37
CA ARG A 924 18.93 21.87 5.33
C ARG A 924 18.42 20.49 5.73
N SER A 925 17.26 20.08 5.24
CA SER A 925 16.70 18.77 5.53
C SER A 925 16.21 18.14 4.24
N VAL A 926 16.16 16.80 4.22
CA VAL A 926 15.71 16.08 3.04
C VAL A 926 14.25 16.39 2.78
N ALA A 927 13.94 16.78 1.55
CA ALA A 927 12.59 17.22 1.21
C ALA A 927 11.60 16.07 1.30
N ASP A 928 10.39 16.40 1.76
CA ASP A 928 9.29 15.44 1.81
C ASP A 928 8.48 15.54 0.51
N LEU A 929 7.31 14.91 0.48
CA LEU A 929 6.50 14.90 -0.73
C LEU A 929 6.05 16.31 -1.11
N VAL A 930 5.67 17.12 -0.13
CA VAL A 930 5.18 18.47 -0.41
C VAL A 930 6.28 19.29 -1.06
N CYS A 931 7.48 19.27 -0.48
CA CYS A 931 8.60 19.99 -1.10
C CYS A 931 9.03 19.32 -2.40
N ALA A 932 8.88 18.01 -2.52
CA ALA A 932 9.22 17.34 -3.77
C ALA A 932 8.36 17.85 -4.91
N GLN A 933 7.06 18.03 -4.66
CA GLN A 933 6.19 18.57 -5.70
C GLN A 933 6.33 20.09 -5.84
N TYR A 934 6.75 20.78 -4.78
CA TYR A 934 6.95 22.22 -4.88
C TYR A 934 8.18 22.56 -5.71
N TYR A 935 9.21 21.72 -5.65
CA TYR A 935 10.40 21.93 -6.47
C TYR A 935 10.10 21.80 -7.96
N SER A 936 8.96 21.21 -8.32
CA SER A 936 8.53 21.10 -9.70
C SER A 936 7.55 22.20 -10.09
N GLY A 937 7.40 23.23 -9.25
CA GLY A 937 6.53 24.34 -9.54
C GLY A 937 5.09 24.19 -9.08
N VAL A 938 4.74 23.06 -8.50
CA VAL A 938 3.38 22.82 -8.03
C VAL A 938 3.27 23.32 -6.59
N MET A 939 2.52 24.40 -6.39
CA MET A 939 2.32 24.99 -5.07
C MET A 939 0.85 24.96 -4.73
N VAL A 940 0.52 24.45 -3.55
CA VAL A 940 -0.86 24.30 -3.11
C VAL A 940 -1.17 25.43 -2.14
N LEU A 941 -2.06 26.32 -2.54
CA LEU A 941 -2.49 27.38 -1.65
C LEU A 941 -3.45 26.82 -0.60
N PRO A 942 -3.51 27.44 0.57
CA PRO A 942 -4.43 26.96 1.62
C PRO A 942 -5.88 27.07 1.18
N GLY A 943 -6.73 26.26 1.78
CA GLY A 943 -8.15 26.32 1.49
C GLY A 943 -8.70 27.71 1.78
N VAL A 944 -9.71 28.09 0.99
CA VAL A 944 -10.20 29.47 1.03
C VAL A 944 -10.75 29.80 2.41
N VAL A 945 -11.54 28.90 2.99
CA VAL A 945 -12.12 29.10 4.31
C VAL A 945 -11.72 27.93 5.20
N ASP A 946 -11.24 28.23 6.39
CA ASP A 946 -10.82 27.21 7.33
C ASP A 946 -12.04 26.48 7.90
N ALA A 947 -11.79 25.30 8.46
CA ALA A 947 -12.87 24.54 9.09
C ALA A 947 -13.48 25.30 10.26
N GLU A 948 -12.67 26.12 10.95
CA GLU A 948 -13.20 26.89 12.07
C GLU A 948 -14.24 27.90 11.60
N LYS A 949 -13.96 28.61 10.51
CA LYS A 949 -14.94 29.57 9.99
C LYS A 949 -16.21 28.87 9.53
N LEU A 950 -16.07 27.72 8.90
CA LEU A 950 -17.24 26.97 8.45
C LEU A 950 -18.07 26.50 9.63
N HIS A 951 -17.40 26.03 10.69
CA HIS A 951 -18.12 25.63 11.90
C HIS A 951 -18.84 26.80 12.55
N MET A 952 -18.19 27.97 12.58
CA MET A 952 -18.85 29.14 13.13
C MET A 952 -20.04 29.55 12.28
N TYR A 953 -19.94 29.38 10.96
CA TYR A 953 -21.09 29.65 10.09
C TYR A 953 -22.25 28.71 10.39
N SER A 954 -21.94 27.41 10.56
CA SER A 954 -22.99 26.45 10.89
C SER A 954 -23.63 26.79 12.24
N ALA A 955 -22.82 27.13 13.23
CA ALA A 955 -23.36 27.54 14.52
C ALA A 955 -24.17 28.82 14.40
N SER A 956 -23.76 29.73 13.53
CA SER A 956 -24.53 30.94 13.31
C SER A 956 -25.91 30.61 12.75
N LEU A 957 -25.99 29.70 11.79
CA LEU A 957 -27.29 29.29 11.27
C LEU A 957 -28.14 28.64 12.36
N ILE A 958 -27.53 27.76 13.15
CA ILE A 958 -28.27 27.07 14.21
C ILE A 958 -28.79 28.05 15.24
N GLY A 959 -27.98 29.03 15.63
CA GLY A 959 -28.45 30.04 16.57
C GLY A 959 -29.45 31.00 15.97
N GLY A 960 -29.36 31.25 14.67
CA GLY A 960 -30.30 32.15 14.02
C GLY A 960 -31.66 31.55 13.82
N MET A 961 -31.74 30.22 13.67
CA MET A 961 -33.06 29.62 13.54
C MET A 961 -33.89 29.72 14.82
N VAL A 962 -33.26 30.05 15.95
CA VAL A 962 -33.97 30.27 17.20
C VAL A 962 -33.89 31.72 17.65
N LEU A 963 -33.29 32.60 16.87
CA LEU A 963 -33.19 34.02 17.21
C LEU A 963 -34.49 34.70 16.79
N GLY A 964 -35.36 34.94 17.78
CA GLY A 964 -36.66 35.50 17.50
C GLY A 964 -36.73 37.01 17.42
N GLY A 965 -35.64 37.70 17.69
CA GLY A 965 -35.63 39.15 17.67
C GLY A 965 -34.30 39.70 17.21
N PHE A 966 -34.24 41.03 17.08
CA PHE A 966 -33.01 41.68 16.65
C PHE A 966 -31.93 41.65 17.73
N THR A 967 -32.30 41.46 18.98
CA THR A 967 -31.36 41.45 20.09
C THR A 967 -31.30 40.05 20.72
N ALA A 968 -30.33 39.86 21.61
CA ALA A 968 -30.16 38.58 22.29
C ALA A 968 -31.22 38.34 23.35
N ALA A 969 -32.04 39.34 23.68
CA ALA A 969 -33.09 39.17 24.68
C ALA A 969 -34.24 38.30 24.19
N ALA A 970 -34.27 37.96 22.90
CA ALA A 970 -35.34 37.17 22.31
C ALA A 970 -34.87 35.76 21.95
N ALA A 971 -34.10 35.15 22.82
CA ALA A 971 -33.62 33.78 22.60
C ALA A 971 -34.78 32.81 22.84
N LEU A 972 -35.53 32.54 21.80
CA LEU A 972 -36.70 31.67 21.92
C LEU A 972 -36.28 30.24 22.21
N PRO A 973 -37.03 29.50 23.02
CA PRO A 973 -36.81 28.06 23.12
C PRO A 973 -37.11 27.37 21.80
N PHE A 974 -36.39 26.27 21.55
CA PHE A 974 -36.54 25.58 20.28
C PHE A 974 -37.94 25.02 20.09
N SER A 975 -38.63 24.70 21.19
CA SER A 975 -39.99 24.19 21.07
C SER A 975 -40.92 25.24 20.46
N TYR A 976 -40.74 26.51 20.83
CA TYR A 976 -41.57 27.56 20.25
C TYR A 976 -41.32 27.71 18.76
N ALA A 977 -40.05 27.63 18.34
CA ALA A 977 -39.75 27.70 16.92
C ALA A 977 -40.35 26.51 16.17
N VAL A 978 -40.27 25.31 16.75
CA VAL A 978 -40.87 24.14 16.11
C VAL A 978 -42.38 24.31 16.01
N GLN A 979 -43.01 24.85 17.07
CA GLN A 979 -44.45 25.07 17.04
C GLN A 979 -44.83 26.08 15.96
N ALA A 980 -44.06 27.16 15.82
CA ALA A 980 -44.33 28.15 14.80
C ALA A 980 -44.19 27.55 13.40
N ARG A 981 -43.15 26.75 13.19
CA ARG A 981 -42.96 26.14 11.87
C ARG A 981 -44.03 25.10 11.58
N LEU A 982 -44.54 24.41 12.61
CA LEU A 982 -45.67 23.52 12.42
C LEU A 982 -46.92 24.30 12.04
N ASN A 983 -47.18 25.40 12.74
CA ASN A 983 -48.34 26.23 12.43
C ASN A 983 -48.26 26.80 11.03
N TYR A 984 -47.05 27.04 10.53
CA TYR A 984 -46.90 27.58 9.19
C TYR A 984 -47.50 26.64 8.14
N LEU A 985 -47.21 25.34 8.24
CA LEU A 985 -47.69 24.39 7.25
C LEU A 985 -49.07 23.84 7.57
N ALA A 986 -49.46 23.82 8.85
CA ALA A 986 -50.78 23.36 9.24
C ALA A 986 -51.10 23.92 10.60
N LEU A 987 -52.20 24.68 10.70
CA LEU A 987 -52.57 25.30 11.97
C LEU A 987 -52.85 24.24 13.02
N GLN A 988 -52.13 24.31 14.14
CA GLN A 988 -52.30 23.33 15.22
C GLN A 988 -53.53 23.69 16.04
N THR A 989 -54.53 22.82 16.03
CA THR A 989 -55.78 23.07 16.73
C THR A 989 -55.80 22.52 18.15
N ASP A 990 -54.92 21.57 18.47
CA ASP A 990 -54.86 21.00 19.82
C ASP A 990 -53.39 20.80 20.16
N VAL A 991 -52.81 21.79 20.83
CA VAL A 991 -51.38 21.75 21.19
C VAL A 991 -51.31 21.26 22.64
N LEU A 992 -51.12 19.95 22.77
CA LEU A 992 -50.93 19.35 24.08
C LEU A 992 -49.44 19.06 24.30
N GLN A 993 -49.11 18.73 25.55
CA GLN A 993 -47.70 18.48 25.90
C GLN A 993 -47.15 17.27 25.14
N ARG A 994 -47.93 16.18 25.08
CA ARG A 994 -47.45 14.99 24.40
C ARG A 994 -47.35 15.20 22.89
N ASN A 995 -48.13 16.13 22.33
CA ASN A 995 -48.05 16.41 20.90
C ASN A 995 -46.65 16.86 20.50
N GLN A 996 -46.01 17.69 21.32
CA GLN A 996 -44.62 18.07 21.10
C GLN A 996 -43.64 17.08 21.67
N GLN A 997 -44.02 16.37 22.74
CA GLN A 997 -43.11 15.43 23.38
C GLN A 997 -42.79 14.26 22.45
N LEU A 998 -43.79 13.76 21.72
CA LEU A 998 -43.54 12.65 20.79
C LEU A 998 -42.58 13.07 19.68
N LEU A 999 -42.77 14.28 19.14
CA LEU A 999 -41.85 14.78 18.11
C LEU A 999 -40.45 14.94 18.68
N ALA A 1000 -40.34 15.46 19.90
CA ALA A 1000 -39.02 15.61 20.51
C ALA A 1000 -38.35 14.27 20.71
N GLU A 1001 -39.10 13.27 21.17
CA GLU A 1001 -38.54 11.93 21.36
C GLU A 1001 -38.07 11.34 20.04
N SER A 1002 -38.88 11.49 18.99
CA SER A 1002 -38.48 10.98 17.67
C SER A 1002 -37.23 11.68 17.17
N PHE A 1003 -37.14 12.99 17.37
CA PHE A 1003 -35.95 13.73 16.95
C PHE A 1003 -34.71 13.26 17.71
N ASN A 1004 -34.85 13.06 19.03
CA ASN A 1004 -33.72 12.58 19.82
C ASN A 1004 -33.27 11.20 19.36
N SER A 1005 -34.23 10.30 19.10
CA SER A 1005 -33.88 8.97 18.64
C SER A 1005 -33.18 9.02 17.28
N ALA A 1006 -33.68 9.85 16.36
CA ALA A 1006 -33.05 9.94 15.05
C ALA A 1006 -31.66 10.55 15.14
N ILE A 1007 -31.46 11.53 16.02
CA ILE A 1007 -30.13 12.10 16.22
C ILE A 1007 -29.19 11.04 16.77
N GLY A 1008 -29.67 10.23 17.72
CA GLY A 1008 -28.86 9.13 18.21
C GLY A 1008 -28.48 8.14 17.11
N ASN A 1009 -29.44 7.82 16.23
CA ASN A 1009 -29.14 6.93 15.12
C ASN A 1009 -28.09 7.53 14.19
N ILE A 1010 -28.20 8.82 13.90
CA ILE A 1010 -27.23 9.48 13.02
C ILE A 1010 -25.85 9.46 13.65
N THR A 1011 -25.77 9.75 14.96
CA THR A 1011 -24.48 9.73 15.64
C THR A 1011 -23.88 8.34 15.64
N SER A 1012 -24.70 7.31 15.89
CA SER A 1012 -24.20 5.94 15.88
C SER A 1012 -23.71 5.56 14.49
N ALA A 1013 -24.42 5.96 13.44
CA ALA A 1013 -23.99 5.66 12.09
C ALA A 1013 -22.67 6.35 11.77
N PHE A 1014 -22.50 7.59 12.22
CA PHE A 1014 -21.25 8.30 11.98
C PHE A 1014 -20.10 7.71 12.77
N GLU A 1015 -20.38 7.12 13.94
CA GLU A 1015 -19.31 6.65 14.82
C GLU A 1015 -18.49 5.54 14.15
N SER A 1016 -19.16 4.58 13.50
CA SER A 1016 -18.46 3.44 12.93
C SER A 1016 -19.29 2.87 11.79
N VAL A 1017 -18.63 2.02 11.00
CA VAL A 1017 -19.23 1.40 9.82
C VAL A 1017 -19.76 0.02 10.20
N LYS A 1018 -21.00 -0.27 9.78
CA LYS A 1018 -21.67 -1.57 9.91
C LYS A 1018 -21.59 -2.17 11.32
N GLU A 1019 -21.31 -1.33 12.33
CA GLU A 1019 -21.29 -1.79 13.71
C GLU A 1019 -21.79 -0.68 14.61
N ALA A 1020 -22.60 -1.06 15.60
CA ALA A 1020 -23.25 -0.16 16.55
C ALA A 1020 -24.35 0.64 15.86
N SER A 1021 -24.43 0.52 14.53
CA SER A 1021 -25.52 1.12 13.75
C SER A 1021 -25.60 0.33 12.45
N SER A 1022 -26.57 -0.55 12.34
CA SER A 1022 -26.70 -1.39 11.16
C SER A 1022 -26.94 -0.54 9.93
N GLN A 1023 -25.96 -0.50 9.03
CA GLN A 1023 -26.06 0.27 7.80
C GLN A 1023 -26.72 -0.51 6.67
N THR A 1024 -27.56 -1.50 7.02
CA THR A 1024 -28.36 -2.19 6.02
C THR A 1024 -29.22 -1.20 5.24
N SER A 1025 -29.80 -0.22 5.92
CA SER A 1025 -30.50 0.88 5.26
C SER A 1025 -29.45 1.82 4.67
N ARG A 1026 -29.12 1.61 3.39
CA ARG A 1026 -28.07 2.35 2.73
C ARG A 1026 -28.57 2.82 1.37
N GLY A 1027 -28.01 3.92 0.90
CA GLY A 1027 -28.37 4.47 -0.39
C GLY A 1027 -28.28 5.97 -0.37
N LEU A 1028 -29.01 6.59 -1.29
CA LEU A 1028 -29.01 8.04 -1.41
C LEU A 1028 -29.62 8.69 -0.18
N ASN A 1029 -29.15 9.90 0.13
CA ASN A 1029 -29.68 10.71 1.24
C ASN A 1029 -29.48 10.00 2.58
N THR A 1030 -28.38 9.26 2.72
CA THR A 1030 -28.03 8.59 3.96
C THR A 1030 -26.62 9.00 4.39
N VAL A 1031 -26.26 8.57 5.60
CA VAL A 1031 -24.95 8.93 6.14
C VAL A 1031 -23.84 8.25 5.35
N ALA A 1032 -24.05 7.00 4.95
CA ALA A 1032 -23.00 6.27 4.22
C ALA A 1032 -22.66 6.95 2.92
N HIS A 1033 -23.67 7.37 2.16
CA HIS A 1033 -23.42 8.06 0.90
C HIS A 1033 -22.67 9.36 1.13
N ALA A 1034 -23.05 10.11 2.17
CA ALA A 1034 -22.38 11.37 2.47
C ALA A 1034 -20.91 11.15 2.81
N LEU A 1035 -20.62 10.15 3.64
CA LEU A 1035 -19.23 9.93 4.02
C LEU A 1035 -18.41 9.39 2.85
N THR A 1036 -19.00 8.58 1.98
CA THR A 1036 -18.29 8.16 0.78
C THR A 1036 -17.98 9.34 -0.12
N LYS A 1037 -18.95 10.27 -0.26
CA LYS A 1037 -18.70 11.47 -1.04
C LYS A 1037 -17.57 12.30 -0.43
N VAL A 1038 -17.57 12.45 0.89
CA VAL A 1038 -16.50 13.20 1.55
C VAL A 1038 -15.16 12.55 1.30
N GLN A 1039 -15.09 11.22 1.43
CA GLN A 1039 -13.83 10.51 1.23
C GLN A 1039 -13.33 10.68 -0.20
N GLU A 1040 -14.21 10.54 -1.19
CA GLU A 1040 -13.76 10.68 -2.57
C GLU A 1040 -13.35 12.12 -2.87
N VAL A 1041 -14.03 13.10 -2.28
CA VAL A 1041 -13.63 14.49 -2.47
C VAL A 1041 -12.23 14.73 -1.90
N VAL A 1042 -11.97 14.24 -0.69
CA VAL A 1042 -10.67 14.48 -0.09
C VAL A 1042 -9.57 13.64 -0.75
N ASN A 1043 -9.94 12.57 -1.48
CA ASN A 1043 -8.91 11.77 -2.13
C ASN A 1043 -8.58 12.29 -3.52
N SER A 1044 -9.57 12.83 -4.25
CA SER A 1044 -9.37 13.19 -5.64
C SER A 1044 -8.34 14.31 -5.79
N GLN A 1045 -8.36 15.29 -4.88
CA GLN A 1045 -7.44 16.42 -5.01
C GLN A 1045 -5.99 15.97 -4.90
N GLY A 1046 -5.70 15.05 -3.98
CA GLY A 1046 -4.35 14.51 -3.90
C GLY A 1046 -4.01 13.59 -5.05
N ALA A 1047 -4.99 12.80 -5.51
CA ALA A 1047 -4.74 11.87 -6.60
C ALA A 1047 -4.36 12.60 -7.88
N ALA A 1048 -5.06 13.70 -8.19
CA ALA A 1048 -4.76 14.45 -9.40
C ALA A 1048 -3.35 15.03 -9.34
N LEU A 1049 -2.96 15.58 -8.19
CA LEU A 1049 -1.62 16.15 -8.05
C LEU A 1049 -0.54 15.08 -8.17
N THR A 1050 -0.76 13.90 -7.56
CA THR A 1050 0.22 12.83 -7.69
C THR A 1050 0.33 12.37 -9.14
N GLN A 1051 -0.80 12.27 -9.84
CA GLN A 1051 -0.77 11.86 -11.25
C GLN A 1051 -0.05 12.91 -12.09
N LEU A 1052 -0.18 14.18 -11.74
CA LEU A 1052 0.58 15.21 -12.43
C LEU A 1052 2.08 15.06 -12.16
N THR A 1053 2.45 14.87 -10.89
CA THR A 1053 3.87 14.84 -10.55
C THR A 1053 4.57 13.61 -11.11
N VAL A 1054 3.86 12.49 -11.24
CA VAL A 1054 4.51 11.29 -11.75
C VAL A 1054 4.83 11.43 -13.25
N GLN A 1055 4.20 12.37 -13.94
CA GLN A 1055 4.47 12.54 -15.36
C GLN A 1055 5.90 12.98 -15.62
N LEU A 1056 6.54 13.65 -14.66
CA LEU A 1056 7.93 14.05 -14.83
C LEU A 1056 8.84 12.83 -14.98
N GLN A 1057 8.46 11.70 -14.37
CA GLN A 1057 9.26 10.49 -14.48
C GLN A 1057 9.25 9.93 -15.90
N HIS A 1058 8.15 10.10 -16.61
CA HIS A 1058 8.02 9.52 -17.94
C HIS A 1058 9.01 10.15 -18.91
N ASN A 1059 9.57 9.31 -19.79
CA ASN A 1059 10.46 9.75 -20.86
C ASN A 1059 9.67 9.67 -22.16
N PHE A 1060 9.22 10.82 -22.66
CA PHE A 1060 8.31 10.87 -23.81
C PHE A 1060 9.11 10.60 -25.10
N GLN A 1061 9.55 9.34 -25.22
CA GLN A 1061 10.28 8.85 -26.39
C GLN A 1061 11.56 9.64 -26.65
N ALA A 1062 12.10 10.30 -25.63
CA ALA A 1062 13.35 11.01 -25.74
C ALA A 1062 14.48 10.16 -25.18
N ILE A 1063 15.69 10.73 -25.16
CA ILE A 1063 16.84 9.99 -24.66
C ILE A 1063 16.71 9.70 -23.17
N SER A 1064 16.28 10.70 -22.40
CA SER A 1064 16.16 10.54 -20.96
C SER A 1064 15.13 11.53 -20.43
N SER A 1065 14.67 11.28 -19.21
CA SER A 1065 13.71 12.17 -18.56
C SER A 1065 14.37 13.43 -17.99
N SER A 1066 15.69 13.48 -17.92
CA SER A 1066 16.41 14.64 -17.41
C SER A 1066 16.85 15.49 -18.58
N ILE A 1067 16.44 16.76 -18.59
CA ILE A 1067 16.72 17.63 -19.72
C ILE A 1067 18.20 17.98 -19.79
N ASP A 1068 18.85 18.16 -18.64
CA ASP A 1068 20.28 18.43 -18.64
C ASP A 1068 21.07 17.23 -19.13
N ASP A 1069 20.61 16.01 -18.81
CA ASP A 1069 21.25 14.82 -19.34
C ASP A 1069 21.18 14.80 -20.87
N ILE A 1070 20.01 15.14 -21.43
CA ILE A 1070 19.87 15.20 -22.88
C ILE A 1070 20.81 16.24 -23.46
N TYR A 1071 20.85 17.42 -22.86
CA TYR A 1071 21.68 18.50 -23.39
C TYR A 1071 23.17 18.20 -23.23
N SER A 1072 23.53 17.30 -22.33
CA SER A 1072 24.92 16.89 -22.18
C SER A 1072 25.31 15.78 -23.16
N ARG A 1073 24.42 14.80 -23.37
CA ARG A 1073 24.77 13.68 -24.24
C ARG A 1073 24.75 14.07 -25.72
N LEU A 1074 23.90 15.01 -26.10
CA LEU A 1074 23.70 15.34 -27.51
C LEU A 1074 24.21 16.74 -27.82
N ASP A 1075 24.46 16.97 -29.11
CA ASP A 1075 24.84 18.27 -29.60
C ASP A 1075 23.65 19.22 -29.60
N PRO A 1076 23.90 20.53 -29.61
CA PRO A 1076 22.79 21.51 -29.49
C PRO A 1076 21.69 21.31 -30.52
N PRO A 1077 22.02 21.01 -31.81
CA PRO A 1077 20.92 20.84 -32.78
C PRO A 1077 19.99 19.67 -32.45
N SER A 1078 20.55 18.47 -32.28
CA SER A 1078 19.71 17.30 -32.03
C SER A 1078 19.07 17.35 -30.65
N ALA A 1079 19.75 17.97 -29.68
CA ALA A 1079 19.22 18.06 -28.33
C ALA A 1079 17.93 18.86 -28.31
N ASP A 1080 17.88 19.95 -29.08
CA ASP A 1080 16.66 20.76 -29.15
C ASP A 1080 15.49 19.93 -29.68
N VAL A 1081 15.75 19.08 -30.66
CA VAL A 1081 14.71 18.17 -31.15
C VAL A 1081 14.29 17.20 -30.04
N GLN A 1082 15.27 16.67 -29.30
CA GLN A 1082 14.97 15.69 -28.27
C GLN A 1082 14.17 16.32 -27.13
N VAL A 1083 14.61 17.47 -26.62
CA VAL A 1083 13.91 18.12 -25.52
C VAL A 1083 12.53 18.59 -25.94
N ASP A 1084 12.32 18.85 -27.22
CA ASP A 1084 10.99 19.25 -27.69
C ASP A 1084 9.99 18.11 -27.52
N ARG A 1085 10.46 16.87 -27.58
CA ARG A 1085 9.57 15.73 -27.40
C ARG A 1085 8.96 15.71 -26.00
N LEU A 1086 9.79 15.95 -24.98
CA LEU A 1086 9.28 15.93 -23.62
C LEU A 1086 8.49 17.20 -23.29
N ILE A 1087 8.85 18.33 -23.91
CA ILE A 1087 8.09 19.56 -23.70
C ILE A 1087 6.64 19.37 -24.15
N THR A 1088 6.46 18.78 -25.33
CA THR A 1088 5.11 18.46 -25.78
C THR A 1088 4.44 17.46 -24.84
N GLY A 1089 5.19 16.46 -24.39
CA GLY A 1089 4.62 15.47 -23.48
C GLY A 1089 4.23 16.08 -22.15
N ARG A 1090 5.12 16.90 -21.56
CA ARG A 1090 4.80 17.51 -20.28
C ARG A 1090 3.68 18.54 -20.41
N LEU A 1091 3.71 19.34 -21.47
CA LEU A 1091 2.67 20.35 -21.67
C LEU A 1091 1.30 19.69 -21.87
N SER A 1092 1.26 18.60 -22.64
CA SER A 1092 0.00 17.87 -22.81
C SER A 1092 -0.46 17.28 -21.50
N ALA A 1093 0.47 16.73 -20.71
CA ALA A 1093 0.11 16.23 -19.38
C ALA A 1093 -0.37 17.37 -18.49
N LEU A 1094 0.30 18.52 -18.55
CA LEU A 1094 -0.13 19.67 -17.77
C LEU A 1094 -1.51 20.15 -18.21
N ASN A 1095 -1.75 20.16 -19.52
CA ASN A 1095 -3.06 20.58 -20.03
C ASN A 1095 -4.16 19.62 -19.57
N ALA A 1096 -3.86 18.32 -19.52
CA ALA A 1096 -4.85 17.35 -19.08
C ALA A 1096 -5.24 17.59 -17.63
N PHE A 1097 -4.28 17.96 -16.79
CA PHE A 1097 -4.59 18.25 -15.39
C PHE A 1097 -5.53 19.44 -15.29
N VAL A 1098 -5.28 20.49 -16.08
CA VAL A 1098 -6.14 21.67 -16.04
C VAL A 1098 -7.55 21.32 -16.48
N ALA A 1099 -7.68 20.50 -17.52
CA ALA A 1099 -9.00 20.13 -18.03
C ALA A 1099 -9.82 19.42 -16.96
N GLN A 1100 -9.19 18.53 -16.19
CA GLN A 1100 -9.93 17.80 -15.16
C GLN A 1100 -10.23 18.68 -13.96
N THR A 1101 -9.36 19.65 -13.66
CA THR A 1101 -9.64 20.56 -12.55
C THR A 1101 -10.77 21.53 -12.90
N LEU A 1102 -10.80 22.00 -14.15
CA LEU A 1102 -11.91 22.84 -14.58
C LEU A 1102 -13.23 22.09 -14.52
N THR A 1103 -13.20 20.80 -14.86
CA THR A 1103 -14.39 19.97 -14.68
C THR A 1103 -14.78 19.89 -13.20
N LYS A 1104 -13.79 19.72 -12.32
CA LYS A 1104 -14.08 19.71 -10.89
C LYS A 1104 -14.60 21.06 -10.43
N TYR A 1105 -13.99 22.15 -10.91
CA TYR A 1105 -14.45 23.49 -10.53
C TYR A 1105 -15.86 23.74 -11.03
N THR A 1106 -16.17 23.32 -12.26
CA THR A 1106 -17.52 23.45 -12.77
C THR A 1106 -18.50 22.62 -11.95
N GLU A 1107 -18.12 21.40 -11.59
CA GLU A 1107 -18.99 20.53 -10.82
C GLU A 1107 -19.25 21.11 -9.42
N VAL A 1108 -18.20 21.60 -8.77
CA VAL A 1108 -18.38 22.13 -7.42
C VAL A 1108 -19.15 23.44 -7.44
N GLN A 1109 -19.09 24.19 -8.54
CA GLN A 1109 -19.87 25.42 -8.64
C GLN A 1109 -21.36 25.14 -8.59
N ALA A 1110 -21.81 24.10 -9.29
CA ALA A 1110 -23.22 23.72 -9.22
C ALA A 1110 -23.60 23.28 -7.81
N SER A 1111 -22.73 22.53 -7.16
CA SER A 1111 -23.01 22.11 -5.78
C SER A 1111 -23.05 23.31 -4.84
N ARG A 1112 -22.12 24.25 -5.00
CA ARG A 1112 -22.11 25.45 -4.17
C ARG A 1112 -23.36 26.30 -4.42
N LYS A 1113 -23.76 26.43 -5.68
CA LYS A 1113 -24.96 27.21 -6.00
C LYS A 1113 -26.20 26.58 -5.38
N LEU A 1114 -26.27 25.25 -5.38
CA LEU A 1114 -27.38 24.57 -4.70
C LEU A 1114 -27.35 24.83 -3.21
N ALA A 1115 -26.17 24.82 -2.60
CA ALA A 1115 -26.06 25.04 -1.16
C ALA A 1115 -26.59 26.42 -0.77
N GLN A 1116 -26.23 27.45 -1.55
CA GLN A 1116 -26.78 28.79 -1.31
C GLN A 1116 -28.29 28.78 -1.39
N GLN A 1117 -28.83 28.10 -2.40
CA GLN A 1117 -30.27 27.94 -2.50
C GLN A 1117 -30.80 27.05 -1.38
N LYS A 1118 -30.03 26.04 -0.99
CA LYS A 1118 -30.49 25.10 0.04
C LYS A 1118 -30.58 25.78 1.40
N VAL A 1119 -29.57 26.55 1.78
CA VAL A 1119 -29.56 27.15 3.11
C VAL A 1119 -30.64 28.22 3.24
N ASN A 1120 -30.87 29.00 2.18
CA ASN A 1120 -31.89 30.05 2.26
C ASN A 1120 -33.29 29.46 2.33
N GLU A 1121 -33.55 28.42 1.53
CA GLU A 1121 -34.90 27.89 1.39
C GLU A 1121 -35.23 26.76 2.34
N CYS A 1122 -34.25 26.22 3.05
CA CYS A 1122 -34.51 25.15 4.00
C CYS A 1122 -34.07 25.47 5.42
N VAL A 1123 -32.91 26.09 5.60
CA VAL A 1123 -32.36 26.33 6.93
C VAL A 1123 -32.87 27.65 7.51
N LYS A 1124 -32.65 28.75 6.78
CA LYS A 1124 -33.09 30.06 7.26
C LYS A 1124 -34.59 30.24 7.16
N SER A 1125 -35.29 29.36 6.46
CA SER A 1125 -36.74 29.42 6.35
C SER A 1125 -37.24 28.08 5.82
N GLN A 1126 -38.39 27.65 6.31
CA GLN A 1126 -38.99 26.42 5.83
C GLN A 1126 -39.46 26.58 4.39
N SER A 1127 -39.50 25.47 3.66
CA SER A 1127 -39.74 25.47 2.23
C SER A 1127 -41.15 24.99 1.93
N GLN A 1128 -41.84 25.73 1.05
CA GLN A 1128 -43.10 25.25 0.49
C GLN A 1128 -42.88 24.31 -0.68
N ARG A 1129 -41.67 24.26 -1.22
CA ARG A 1129 -41.35 23.35 -2.33
C ARG A 1129 -41.30 21.93 -1.80
N TYR A 1130 -42.20 21.09 -2.30
CA TYR A 1130 -42.28 19.71 -1.83
C TYR A 1130 -41.04 18.93 -2.27
N GLY A 1131 -40.43 18.21 -1.32
CA GLY A 1131 -39.31 17.36 -1.63
C GLY A 1131 -37.99 18.05 -1.88
N PHE A 1132 -37.93 19.38 -1.73
CA PHE A 1132 -36.69 20.09 -1.99
C PHE A 1132 -35.66 19.84 -0.88
N CYS A 1133 -36.10 19.91 0.37
CA CYS A 1133 -35.19 19.76 1.52
C CYS A 1133 -35.21 18.32 1.99
N GLY A 1134 -34.32 17.52 1.43
CA GLY A 1134 -34.11 16.16 1.89
C GLY A 1134 -35.27 15.21 1.65
N GLY A 1135 -35.55 14.91 0.39
CA GLY A 1135 -36.54 13.91 0.07
C GLY A 1135 -37.98 14.35 0.34
N ASP A 1136 -38.89 13.40 0.19
CA ASP A 1136 -40.31 13.67 0.30
C ASP A 1136 -40.70 13.93 1.75
N GLY A 1137 -41.96 14.32 1.94
CA GLY A 1137 -42.50 14.60 3.26
C GLY A 1137 -42.54 16.09 3.54
N GLU A 1138 -43.18 16.42 4.66
CA GLU A 1138 -43.30 17.80 5.10
C GLU A 1138 -42.03 18.22 5.83
N HIS A 1139 -41.29 19.16 5.26
CA HIS A 1139 -40.04 19.62 5.85
C HIS A 1139 -40.35 20.61 6.98
N ILE A 1140 -39.91 20.29 8.19
CA ILE A 1140 -40.17 21.14 9.34
C ILE A 1140 -39.03 22.14 9.57
N PHE A 1141 -37.79 21.67 9.51
CA PHE A 1141 -36.62 22.53 9.62
C PHE A 1141 -35.40 21.71 9.22
N SER A 1142 -34.26 22.37 9.12
CA SER A 1142 -33.01 21.70 8.78
C SER A 1142 -31.86 22.48 9.40
N LEU A 1143 -30.83 21.75 9.81
CA LEU A 1143 -29.68 22.31 10.47
C LEU A 1143 -28.40 21.85 9.78
N VAL A 1144 -27.37 22.68 9.85
CA VAL A 1144 -26.15 22.50 9.08
C VAL A 1144 -24.99 22.22 10.04
N GLN A 1145 -24.14 21.28 9.65
CA GLN A 1145 -22.91 20.97 10.37
C GLN A 1145 -21.73 21.08 9.42
N ALA A 1146 -20.60 21.54 9.94
CA ALA A 1146 -19.41 21.69 9.11
C ALA A 1146 -18.91 20.34 8.62
N ALA A 1147 -18.42 20.34 7.39
CA ALA A 1147 -17.91 19.14 6.74
C ALA A 1147 -16.62 19.50 6.01
N PRO A 1148 -15.77 18.52 5.71
CA PRO A 1148 -14.57 18.80 4.93
C PRO A 1148 -14.89 19.39 3.57
N GLN A 1149 -14.50 20.66 3.37
CA GLN A 1149 -14.70 21.37 2.11
C GLN A 1149 -16.17 21.41 1.70
N GLY A 1150 -17.08 21.51 2.66
CA GLY A 1150 -18.48 21.58 2.33
C GLY A 1150 -19.33 21.59 3.59
N LEU A 1151 -20.64 21.60 3.37
CA LEU A 1151 -21.61 21.62 4.46
C LEU A 1151 -22.38 20.30 4.48
N LEU A 1152 -22.69 19.83 5.67
CA LEU A 1152 -23.48 18.61 5.86
C LEU A 1152 -24.86 19.01 6.33
N PHE A 1153 -25.83 19.00 5.42
CA PHE A 1153 -27.20 19.36 5.75
C PHE A 1153 -27.91 18.19 6.40
N LEU A 1154 -28.60 18.47 7.50
CA LEU A 1154 -29.40 17.48 8.21
C LEU A 1154 -30.86 17.93 8.12
N HIS A 1155 -31.53 17.55 7.04
CA HIS A 1155 -32.91 17.96 6.81
C HIS A 1155 -33.83 17.15 7.69
N THR A 1156 -34.53 17.82 8.59
CA THR A 1156 -35.54 17.18 9.43
C THR A 1156 -36.89 17.28 8.73
N VAL A 1157 -37.51 16.14 8.47
CA VAL A 1157 -38.73 16.07 7.69
C VAL A 1157 -39.74 15.19 8.42
N LEU A 1158 -41.00 15.63 8.44
CA LEU A 1158 -42.06 14.84 9.07
C LEU A 1158 -42.53 13.74 8.13
N VAL A 1159 -42.75 12.56 8.69
CA VAL A 1159 -43.35 11.45 7.94
C VAL A 1159 -44.51 10.89 8.74
N PRO A 1160 -45.68 10.72 8.13
CA PRO A 1160 -46.84 10.22 8.88
C PRO A 1160 -46.72 8.74 9.19
N SER A 1161 -47.37 8.34 10.28
CA SER A 1161 -47.43 6.94 10.67
C SER A 1161 -48.82 6.34 10.50
N ASP A 1162 -49.85 7.18 10.38
CA ASP A 1162 -51.22 6.69 10.19
C ASP A 1162 -51.99 7.72 9.38
N PHE A 1163 -53.09 7.27 8.79
CA PHE A 1163 -53.94 8.13 7.97
C PHE A 1163 -55.38 8.01 8.46
N VAL A 1164 -56.06 9.16 8.54
CA VAL A 1164 -57.44 9.22 8.96
C VAL A 1164 -58.32 9.30 7.73
N ASP A 1165 -59.24 8.35 7.58
CA ASP A 1165 -60.12 8.29 6.43
C ASP A 1165 -61.42 9.02 6.77
N VAL A 1166 -61.68 10.12 6.07
CA VAL A 1166 -62.88 10.93 6.28
C VAL A 1166 -63.51 11.21 4.93
N ILE A 1167 -64.80 11.54 4.96
CA ILE A 1167 -65.59 11.79 3.77
C ILE A 1167 -65.56 13.29 3.49
N ALA A 1168 -64.83 13.69 2.46
CA ALA A 1168 -64.68 15.10 2.14
C ALA A 1168 -66.01 15.71 1.68
N ILE A 1169 -66.15 17.01 1.90
CA ILE A 1169 -67.34 17.75 1.52
C ILE A 1169 -66.93 18.83 0.53
N ALA A 1170 -67.64 18.90 -0.60
CA ALA A 1170 -67.34 19.92 -1.60
C ALA A 1170 -67.85 21.30 -1.17
N GLY A 1171 -68.98 21.36 -0.49
CA GLY A 1171 -69.52 22.64 -0.07
C GLY A 1171 -70.89 22.46 0.55
N LEU A 1172 -71.49 23.59 0.90
CA LEU A 1172 -72.80 23.63 1.55
C LEU A 1172 -73.74 24.51 0.73
N CYS A 1173 -75.00 24.06 0.62
CA CYS A 1173 -76.05 24.83 -0.05
C CYS A 1173 -77.26 24.85 0.88
N VAL A 1174 -77.50 26.00 1.49
CA VAL A 1174 -78.58 26.14 2.46
C VAL A 1174 -79.88 26.45 1.73
N ASN A 1175 -80.90 25.62 1.97
CA ASN A 1175 -82.24 25.79 1.40
C ASN A 1175 -82.21 25.98 -0.13
N ASP A 1176 -81.19 25.39 -0.77
CA ASP A 1176 -81.06 25.38 -2.23
C ASP A 1176 -81.00 26.79 -2.82
N GLU A 1177 -80.62 27.78 -2.03
CA GLU A 1177 -80.68 29.17 -2.46
C GLU A 1177 -79.36 29.94 -2.31
N ILE A 1178 -78.55 29.64 -1.31
CA ILE A 1178 -77.18 30.17 -1.24
C ILE A 1178 -76.21 29.00 -1.22
N ALA A 1179 -75.29 29.00 -2.18
CA ALA A 1179 -74.16 28.07 -2.15
C ALA A 1179 -73.07 28.62 -1.24
N LEU A 1180 -72.37 27.72 -0.56
CA LEU A 1180 -71.40 28.13 0.45
C LEU A 1180 -70.28 27.10 0.49
N THR A 1181 -69.08 27.51 0.07
CA THR A 1181 -67.94 26.61 -0.08
C THR A 1181 -66.74 27.16 0.66
N LEU A 1182 -65.75 26.29 0.87
CA LEU A 1182 -64.54 26.68 1.57
C LEU A 1182 -63.71 27.64 0.75
N ARG A 1183 -63.19 28.68 1.42
CA ARG A 1183 -62.34 29.65 0.73
C ARG A 1183 -60.95 29.09 0.48
N GLU A 1184 -60.37 28.41 1.46
CA GLU A 1184 -58.98 27.98 1.36
C GLU A 1184 -58.88 26.71 0.52
N PRO A 1185 -58.11 26.72 -0.57
CA PRO A 1185 -57.94 25.48 -1.34
C PRO A 1185 -57.28 24.36 -0.56
N GLY A 1186 -56.37 24.69 0.36
CA GLY A 1186 -55.68 23.68 1.13
C GLY A 1186 -56.39 23.34 2.43
N LEU A 1187 -57.71 23.45 2.43
CA LEU A 1187 -58.53 23.18 3.60
C LEU A 1187 -59.68 22.27 3.20
N VAL A 1188 -59.98 21.28 4.04
CA VAL A 1188 -61.02 20.31 3.74
C VAL A 1188 -62.17 20.48 4.72
N LEU A 1189 -63.32 19.96 4.33
CA LEU A 1189 -64.50 19.90 5.17
C LEU A 1189 -65.03 18.48 5.13
N PHE A 1190 -65.32 17.90 6.30
CA PHE A 1190 -65.61 16.48 6.36
C PHE A 1190 -66.46 16.18 7.60
N THR A 1191 -66.97 14.95 7.64
CA THR A 1191 -67.64 14.41 8.80
C THR A 1191 -66.79 13.28 9.38
N HIS A 1192 -66.57 13.31 10.68
CA HIS A 1192 -65.60 12.43 11.32
C HIS A 1192 -66.21 11.84 12.59
N GLU A 1193 -65.53 10.81 13.12
CA GLU A 1193 -65.81 10.17 14.41
C GLU A 1193 -67.26 9.72 14.54
N LEU A 1194 -67.70 9.48 15.78
CA LEU A 1194 -69.03 8.93 16.01
C LEU A 1194 -70.13 9.83 15.46
N GLN A 1195 -69.89 11.14 15.41
CA GLN A 1195 -70.89 12.10 14.94
C GLN A 1195 -70.83 12.33 13.44
N ASN A 1196 -70.10 11.50 12.71
CA ASN A 1196 -70.04 11.65 11.25
C ASN A 1196 -71.37 11.32 10.61
N HIS A 1197 -72.10 10.35 11.17
CA HIS A 1197 -73.39 9.94 10.63
C HIS A 1197 -74.50 9.89 11.66
N THR A 1198 -74.19 9.70 12.94
CA THR A 1198 -75.24 9.67 13.96
C THR A 1198 -75.78 11.07 14.24
N ALA A 1199 -74.89 12.07 14.30
CA ALA A 1199 -75.30 13.44 14.56
C ALA A 1199 -74.94 14.40 13.44
N THR A 1200 -74.19 13.95 12.43
CA THR A 1200 -73.80 14.78 11.28
C THR A 1200 -73.07 16.04 11.73
N GLU A 1201 -71.93 15.83 12.38
CA GLU A 1201 -71.06 16.94 12.79
C GLU A 1201 -69.98 17.16 11.74
N TYR A 1202 -69.69 18.42 11.46
CA TYR A 1202 -68.74 18.80 10.43
C TYR A 1202 -67.52 19.45 11.05
N PHE A 1203 -66.35 19.13 10.49
CA PHE A 1203 -65.08 19.67 10.94
C PHE A 1203 -64.26 20.11 9.74
N VAL A 1204 -63.37 21.06 9.97
CA VAL A 1204 -62.44 21.51 8.94
C VAL A 1204 -61.02 21.28 9.46
N SER A 1205 -60.10 21.07 8.52
CA SER A 1205 -58.71 20.79 8.87
C SER A 1205 -57.85 21.01 7.63
N SER A 1206 -56.56 21.22 7.88
CA SER A 1206 -55.61 21.30 6.79
C SER A 1206 -55.47 19.94 6.11
N ARG A 1207 -55.17 19.96 4.82
CA ARG A 1207 -54.96 18.72 4.09
C ARG A 1207 -53.59 18.12 4.32
N ARG A 1208 -52.69 18.85 4.98
CA ARG A 1208 -51.35 18.35 5.27
C ARG A 1208 -51.27 17.59 6.59
N MET A 1209 -52.00 18.03 7.62
CA MET A 1209 -52.04 17.35 8.90
C MET A 1209 -53.46 17.29 9.39
N PHE A 1210 -53.76 16.29 10.21
CA PHE A 1210 -55.09 16.11 10.77
C PHE A 1210 -55.24 16.99 12.00
N GLU A 1211 -55.81 18.17 11.81
CA GLU A 1211 -56.05 19.13 12.90
C GLU A 1211 -57.51 19.57 12.82
N PRO A 1212 -58.43 18.74 13.32
CA PRO A 1212 -59.85 19.08 13.22
C PRO A 1212 -60.18 20.37 13.96
N ARG A 1213 -61.08 21.15 13.39
CA ARG A 1213 -61.47 22.43 13.95
C ARG A 1213 -62.90 22.74 13.50
N LYS A 1214 -63.68 23.31 14.40
CA LYS A 1214 -65.06 23.65 14.05
C LYS A 1214 -65.06 24.76 12.99
N PRO A 1215 -65.98 24.68 12.03
CA PRO A 1215 -65.98 25.67 10.94
C PRO A 1215 -66.37 27.05 11.43
N THR A 1216 -65.91 28.05 10.68
CA THR A 1216 -66.19 29.45 10.96
C THR A 1216 -66.63 30.13 9.67
N VAL A 1217 -67.47 31.15 9.80
CA VAL A 1217 -68.01 31.84 8.63
C VAL A 1217 -66.90 32.48 7.81
N SER A 1218 -65.77 32.79 8.44
CA SER A 1218 -64.64 33.38 7.70
C SER A 1218 -64.01 32.38 6.74
N ASP A 1219 -64.20 31.08 6.96
CA ASP A 1219 -63.63 30.06 6.09
C ASP A 1219 -64.51 29.75 4.89
N PHE A 1220 -65.72 30.31 4.83
CA PHE A 1220 -66.68 30.01 3.78
C PHE A 1220 -66.95 31.23 2.92
N VAL A 1221 -67.25 30.98 1.65
CA VAL A 1221 -67.58 32.03 0.70
C VAL A 1221 -68.85 31.63 -0.05
N GLN A 1222 -69.58 32.63 -0.53
CA GLN A 1222 -70.80 32.39 -1.27
C GLN A 1222 -70.51 32.17 -2.75
N ILE A 1223 -71.27 31.28 -3.37
CA ILE A 1223 -71.12 30.93 -4.78
C ILE A 1223 -72.46 31.16 -5.46
N GLU A 1224 -72.42 31.66 -6.71
CA GLU A 1224 -73.64 32.01 -7.41
C GLU A 1224 -74.53 30.80 -7.67
N SER A 1225 -73.95 29.61 -7.82
CA SER A 1225 -74.70 28.42 -8.17
C SER A 1225 -74.27 27.23 -7.32
N CYS A 1226 -75.18 26.29 -7.15
CA CYS A 1226 -74.91 25.05 -6.44
C CYS A 1226 -74.56 23.92 -7.41
N VAL A 1227 -74.11 22.81 -6.84
CA VAL A 1227 -73.90 21.57 -7.57
C VAL A 1227 -74.49 20.42 -6.75
N VAL A 1228 -74.59 19.26 -7.40
CA VAL A 1228 -75.21 18.11 -6.75
C VAL A 1228 -74.37 17.63 -5.57
N THR A 1229 -73.04 17.73 -5.67
CA THR A 1229 -72.17 17.20 -4.63
C THR A 1229 -72.25 17.99 -3.33
N TYR A 1230 -72.79 19.20 -3.35
CA TYR A 1230 -72.84 20.03 -2.15
C TYR A 1230 -73.84 19.47 -1.16
N VAL A 1231 -73.52 19.61 0.14
CA VAL A 1231 -74.39 19.13 1.19
C VAL A 1231 -75.68 19.95 1.20
N ASN A 1232 -76.78 19.29 1.54
CA ASN A 1232 -78.12 19.85 1.41
C ASN A 1232 -78.64 20.15 2.82
N LEU A 1233 -78.75 21.43 3.15
CA LEU A 1233 -79.09 21.86 4.49
C LEU A 1233 -80.16 22.95 4.43
N THR A 1234 -80.64 23.35 5.60
CA THR A 1234 -81.62 24.40 5.73
C THR A 1234 -81.14 25.43 6.74
N ARG A 1235 -81.81 26.59 6.75
CA ARG A 1235 -81.36 27.71 7.58
C ARG A 1235 -81.37 27.37 9.06
N ASP A 1236 -82.27 26.48 9.49
CA ASP A 1236 -82.28 26.09 10.90
C ASP A 1236 -81.14 25.14 11.22
N GLN A 1237 -80.82 24.23 10.30
CA GLN A 1237 -79.74 23.28 10.52
C GLN A 1237 -78.35 23.88 10.37
N LEU A 1238 -78.23 24.99 9.64
CA LEU A 1238 -76.90 25.55 9.37
C LEU A 1238 -76.16 25.97 10.62
N PRO A 1239 -76.76 26.67 11.60
CA PRO A 1239 -76.00 27.01 12.81
C PRO A 1239 -75.45 25.81 13.56
N ASP A 1240 -76.11 24.66 13.46
CA ASP A 1240 -75.55 23.44 14.04
C ASP A 1240 -74.24 23.07 13.35
N VAL A 1241 -74.19 23.17 12.03
CA VAL A 1241 -72.96 22.89 11.29
C VAL A 1241 -71.92 23.98 11.55
N ILE A 1242 -72.35 25.24 11.49
CA ILE A 1242 -71.44 26.37 11.73
C ILE A 1242 -71.88 27.07 13.01
N PRO A 1243 -71.26 26.76 14.15
CA PRO A 1243 -71.67 27.40 15.41
C PRO A 1243 -71.53 28.91 15.41
N ASP A 1244 -70.53 29.45 14.70
CA ASP A 1244 -70.29 30.88 14.70
C ASP A 1244 -71.27 31.66 13.84
N TYR A 1245 -72.06 30.99 13.01
CA TYR A 1245 -73.00 31.69 12.15
C TYR A 1245 -74.12 32.31 12.97
N ILE A 1246 -74.53 33.51 12.58
CA ILE A 1246 -75.63 34.23 13.22
C ILE A 1246 -76.68 34.54 12.16
N ASP A 1247 -77.94 34.35 12.51
CA ASP A 1247 -79.06 34.62 11.60
C ASP A 1247 -79.58 36.01 11.89
N VAL A 1248 -79.31 36.95 10.98
CA VAL A 1248 -79.73 38.34 11.18
C VAL A 1248 -81.26 38.44 11.23
N ASN A 1249 -81.94 37.76 10.30
CA ASN A 1249 -83.40 37.82 10.26
C ASN A 1249 -84.00 37.19 11.52
N LYS A 1250 -83.48 36.05 11.95
CA LYS A 1250 -84.02 35.38 13.13
C LYS A 1250 -83.76 36.20 14.39
N THR A 1251 -82.54 36.75 14.53
CA THR A 1251 -82.21 37.50 15.72
C THR A 1251 -82.99 38.82 15.79
N ARG A 1252 -83.09 39.53 14.66
CA ARG A 1252 -83.79 40.81 14.65
C ARG A 1252 -85.29 40.62 14.93
N ASP A 1253 -85.88 39.58 14.35
CA ASP A 1253 -87.31 39.34 14.51
C ASP A 1253 -87.59 38.56 15.79
N GLU A 1254 -87.08 39.06 16.92
CA GLU A 1254 -87.31 38.44 18.22
C GLU A 1254 -87.43 39.48 19.32
#